data_3T81
#
_entry.id   3T81
#
_cell.length_a   61.662
_cell.length_b   131.845
_cell.length_c   69.628
_cell.angle_alpha   90.00
_cell.angle_beta   97.04
_cell.angle_gamma   90.00
#
_symmetry.space_group_name_H-M   'P 1 21 1'
#
loop_
_entity.id
_entity.type
_entity.pdbx_description
1 polymer 'Adenine deaminase 2'
2 non-polymer 'FE (III) ION'
3 water water
#
_entity_poly.entity_id   1
_entity_poly.type   'polypeptide(L)'
_entity_poly.pdbx_seq_one_letter_code
;(MSE)SL(MSE)TAQIRLAEPADLNDDTLRARAVAAARGDQRFDVLITGGTLVDVVTGELRPADIGIVGALIASVHEPAS
RRDAAQVIDAGGAYVSPGLIDTH(MSE)HIESS(MSE)ITPAAYAAAVVARGVTTIVWDPHEFGNVHGVDGVRWAAKAIE
NLPLRAILLAPSCVPSAPGLERGGADFDAAILADLLSWPEIGGIAEI(MSE)N(MSE)RGVIERDPR(MSE)SGIVQAGL
AAEKLVCGHARGLKNADLNAF(MSE)AAGVSSDHELVSGEDL(MSE)AKLRAGLTIELRGSHDHLLPEFVAALNTLGHLP
QTVTLCTDDVFPDDLLQGGGLDDVVRRLVRYGLKPEWALRAATLNAAQRLGRSDLGLIAAGRRADIVVFEDLNGFSARHV
LASGRAVAEGGR(MSE)LVDIPTCDTTVLKGS(MSE)KLPLR(MSE)ANDFLVKSQGAKVRLATIDRPRFTQWGETEADV
KDGFVVPPEGAT(MSE)ISVTHRHG(MSE)AEPTTKTGFLTGWGRWNGAFATTVSHDSHNLTVFGGNAGD(MSE)ALAAN
AVIGTGGG(MSE)AVASEGKVTAILPLPLSGLVSDAPLEEVARAFEDLREAVGKVVEWQPPYLVFKACFGATLACNIGPH
QTD(MSE)GIADVLTGKV(MSE)ESPVIEVLGEGHHHHHH
;
_entity_poly.pdbx_strand_id   A,B
#
loop_
_chem_comp.id
_chem_comp.type
_chem_comp.name
_chem_comp.formula
FE non-polymer 'FE (III) ION' 'Fe 3'
#
# COMPACT_ATOMS: atom_id res chain seq x y z
N GLU A 12 -0.49 0.63 -17.79
CA GLU A 12 -0.11 1.62 -16.70
C GLU A 12 0.44 0.84 -15.54
N PRO A 13 1.32 1.41 -14.72
CA PRO A 13 2.10 2.63 -14.81
C PRO A 13 3.13 2.45 -15.91
N ALA A 14 3.18 1.30 -16.57
CA ALA A 14 4.10 1.17 -17.71
C ALA A 14 4.14 2.43 -18.55
N ASP A 15 3.00 2.99 -18.85
CA ASP A 15 3.05 4.22 -19.58
C ASP A 15 4.04 5.30 -19.05
N LEU A 16 4.33 5.37 -17.71
CA LEU A 16 5.27 6.42 -17.19
C LEU A 16 6.78 6.03 -17.25
N ASN A 17 7.01 4.78 -17.68
CA ASN A 17 8.35 4.08 -17.49
C ASN A 17 9.21 4.24 -18.75
N ASP A 18 8.66 5.03 -19.66
CA ASP A 18 9.21 5.14 -20.91
C ASP A 18 10.45 5.93 -20.74
N ASP A 19 11.48 5.37 -21.32
CA ASP A 19 12.77 5.83 -21.14
C ASP A 19 12.94 7.24 -21.70
N THR A 20 12.42 7.53 -22.88
CA THR A 20 12.40 8.93 -23.43
C THR A 20 11.74 9.95 -22.52
N LEU A 21 10.54 9.64 -22.03
CA LEU A 21 9.84 10.60 -21.14
C LEU A 21 10.54 10.83 -19.78
N ARG A 22 10.90 9.68 -19.20
CA ARG A 22 11.75 9.64 -17.98
C ARG A 22 12.87 10.54 -18.06
N ALA A 23 13.62 10.31 -19.13
CA ALA A 23 14.90 10.93 -19.30
C ALA A 23 14.58 12.46 -19.39
N ARG A 24 13.67 12.83 -20.29
CA ARG A 24 13.26 14.19 -20.42
C ARG A 24 12.72 14.75 -19.09
N ALA A 25 12.14 13.86 -18.28
CA ALA A 25 11.53 14.36 -17.05
C ALA A 25 12.60 14.74 -16.03
N VAL A 26 13.54 13.84 -15.82
CA VAL A 26 14.75 14.17 -15.10
C VAL A 26 15.50 15.38 -15.49
N ALA A 27 15.51 15.63 -16.79
CA ALA A 27 16.32 16.68 -17.37
C ALA A 27 15.51 17.91 -17.17
N ALA A 28 14.18 17.78 -17.27
CA ALA A 28 13.34 18.97 -16.97
C ALA A 28 13.41 19.19 -15.52
N ALA A 29 13.74 18.18 -14.74
CA ALA A 29 13.58 18.43 -13.33
C ALA A 29 14.82 19.17 -12.96
N ARG A 30 15.95 18.70 -13.53
CA ARG A 30 17.28 19.21 -13.30
C ARG A 30 17.41 20.67 -13.77
N GLY A 31 16.62 21.16 -14.73
CA GLY A 31 16.69 22.58 -15.16
C GLY A 31 17.09 22.71 -16.65
N ASP A 32 17.60 21.61 -17.16
CA ASP A 32 18.31 21.66 -18.35
C ASP A 32 17.27 21.35 -19.37
N GLN A 33 16.01 21.64 -19.02
CA GLN A 33 14.89 21.62 -19.96
C GLN A 33 13.64 22.28 -19.45
N ARG A 34 12.70 22.50 -20.35
CA ARG A 34 11.52 23.23 -20.02
C ARG A 34 10.45 22.21 -19.80
N PHE A 35 9.69 22.34 -18.70
CA PHE A 35 8.47 21.51 -18.42
C PHE A 35 7.38 21.62 -19.53
N ASP A 36 6.36 20.78 -19.58
CA ASP A 36 5.29 20.98 -20.55
C ASP A 36 4.22 21.70 -19.77
N VAL A 37 4.33 21.66 -18.43
CA VAL A 37 3.42 22.51 -17.67
C VAL A 37 3.92 23.01 -16.36
N LEU A 38 3.44 24.16 -15.91
CA LEU A 38 3.89 24.55 -14.61
C LEU A 38 2.66 24.92 -13.97
N ILE A 39 2.52 24.60 -12.68
CA ILE A 39 1.34 25.07 -11.95
C ILE A 39 1.85 26.07 -10.98
N THR A 40 1.34 27.28 -10.98
CA THR A 40 2.09 28.29 -10.20
C THR A 40 1.30 28.95 -9.15
N GLY A 41 2.00 29.30 -8.06
CA GLY A 41 1.41 30.09 -6.95
C GLY A 41 0.28 29.49 -6.07
N GLY A 42 -0.03 28.19 -6.29
CA GLY A 42 -0.93 27.48 -5.44
C GLY A 42 -0.38 27.25 -4.02
N THR A 43 -1.28 26.68 -3.20
CA THR A 43 -0.92 26.16 -1.89
C THR A 43 -1.01 24.60 -1.93
N LEU A 44 0.15 23.96 -1.96
CA LEU A 44 0.15 22.51 -1.99
C LEU A 44 -0.50 21.99 -0.75
N VAL A 45 -1.58 21.22 -0.93
CA VAL A 45 -2.05 20.34 0.17
C VAL A 45 -1.13 19.15 0.20
N ASP A 46 -0.13 19.19 1.09
CA ASP A 46 0.88 18.11 1.19
C ASP A 46 0.24 16.85 1.90
N VAL A 47 -0.40 15.92 1.19
CA VAL A 47 -1.04 14.74 1.92
C VAL A 47 -0.17 13.71 2.70
N VAL A 48 1.10 13.65 2.46
CA VAL A 48 1.90 13.03 3.45
C VAL A 48 2.07 13.76 4.78
N THR A 49 2.36 15.07 4.78
CA THR A 49 2.56 15.82 6.04
C THR A 49 1.36 16.50 6.71
N GLY A 50 0.20 16.59 6.01
CA GLY A 50 -0.88 17.47 6.49
C GLY A 50 -0.57 19.03 6.50
N GLU A 51 0.52 19.52 5.90
CA GLU A 51 0.78 20.94 5.78
C GLU A 51 0.04 21.40 4.51
N LEU A 52 -0.56 22.61 4.60
CA LEU A 52 -0.68 23.61 3.45
C LEU A 52 0.63 24.33 3.27
N ARG A 53 1.16 24.34 2.07
CA ARG A 53 2.47 24.95 1.98
C ARG A 53 2.75 25.31 0.53
N PRO A 54 3.35 26.49 0.27
CA PRO A 54 3.42 27.01 -1.04
C PRO A 54 4.34 26.21 -1.85
N ALA A 55 3.94 25.95 -3.10
CA ALA A 55 4.86 25.30 -3.99
C ALA A 55 4.28 25.20 -5.38
N ASP A 56 5.14 24.92 -6.38
CA ASP A 56 4.71 24.98 -7.73
C ASP A 56 5.16 23.67 -8.29
N ILE A 57 4.53 23.26 -9.38
CA ILE A 57 4.71 21.88 -9.83
C ILE A 57 5.03 21.91 -11.30
N GLY A 58 6.02 21.15 -11.70
CA GLY A 58 6.30 20.98 -13.10
C GLY A 58 6.06 19.54 -13.52
N ILE A 59 5.50 19.46 -14.73
CA ILE A 59 4.95 18.22 -15.21
C ILE A 59 5.58 18.14 -16.55
N VAL A 60 5.98 16.94 -16.94
CA VAL A 60 6.57 16.64 -18.19
C VAL A 60 5.77 15.46 -18.60
N GLY A 61 4.91 15.57 -19.62
CA GLY A 61 4.04 14.46 -20.06
C GLY A 61 3.09 14.13 -18.93
N ALA A 62 3.04 12.82 -18.58
CA ALA A 62 2.12 12.26 -17.55
C ALA A 62 2.73 12.27 -16.11
N LEU A 63 4.05 12.51 -16.03
CA LEU A 63 4.84 12.46 -14.84
C LEU A 63 4.91 13.80 -14.19
N ILE A 64 5.02 13.84 -12.87
CA ILE A 64 5.03 15.08 -12.18
C ILE A 64 6.54 15.13 -12.10
N ALA A 65 7.19 16.13 -12.68
CA ALA A 65 8.64 16.08 -12.78
C ALA A 65 9.26 16.77 -11.65
N SER A 66 8.60 17.81 -11.18
CA SER A 66 9.20 18.65 -10.12
C SER A 66 8.20 19.28 -9.18
N VAL A 67 8.54 19.23 -7.88
CA VAL A 67 7.76 19.93 -6.85
C VAL A 67 8.82 20.87 -6.25
N HIS A 68 8.64 22.19 -6.42
CA HIS A 68 9.78 23.04 -6.03
C HIS A 68 9.38 24.39 -5.44
N GLU A 69 10.37 25.20 -5.09
CA GLU A 69 10.17 26.61 -4.50
C GLU A 69 9.28 27.52 -5.37
N PRO A 70 8.27 28.14 -4.81
CA PRO A 70 7.34 28.98 -5.65
C PRO A 70 8.15 30.07 -6.37
N ALA A 71 7.71 30.41 -7.61
CA ALA A 71 8.38 31.29 -8.56
C ALA A 71 9.81 30.90 -9.00
N SER A 72 10.54 30.09 -8.27
CA SER A 72 11.78 29.60 -8.84
C SER A 72 11.78 29.07 -10.30
N ARG A 73 10.68 28.90 -10.99
CA ARG A 73 10.88 28.59 -12.41
C ARG A 73 9.82 29.21 -13.33
N ARG A 74 10.16 29.46 -14.62
CA ARG A 74 9.10 29.96 -15.53
C ARG A 74 9.08 29.28 -16.80
N ASP A 75 10.01 28.35 -17.04
CA ASP A 75 10.06 27.63 -18.33
C ASP A 75 9.16 26.36 -18.52
N ALA A 76 8.27 26.46 -19.49
CA ALA A 76 7.06 25.65 -19.55
C ALA A 76 6.30 25.88 -20.87
N ALA A 77 6.04 24.86 -21.71
CA ALA A 77 5.08 25.02 -22.84
C ALA A 77 3.65 25.43 -22.42
N GLN A 78 3.35 25.65 -21.15
CA GLN A 78 2.07 26.23 -20.75
C GLN A 78 2.08 26.36 -19.24
N VAL A 79 1.19 27.19 -18.69
CA VAL A 79 1.33 27.65 -17.31
C VAL A 79 -0.05 27.77 -16.78
N ILE A 80 -0.29 26.96 -15.74
CA ILE A 80 -1.58 26.90 -15.09
C ILE A 80 -1.69 27.82 -13.88
N ASP A 81 -2.67 28.67 -13.88
CA ASP A 81 -2.60 29.56 -12.69
C ASP A 81 -3.23 29.06 -11.43
N ALA A 82 -2.51 29.06 -10.33
CA ALA A 82 -3.10 28.47 -9.11
C ALA A 82 -3.09 29.36 -7.91
N GLY A 83 -2.61 30.61 -8.04
CA GLY A 83 -2.50 31.52 -6.89
C GLY A 83 -3.91 31.80 -6.47
N GLY A 84 -4.06 32.08 -5.14
CA GLY A 84 -5.43 32.15 -4.59
C GLY A 84 -6.07 30.73 -4.23
N ALA A 85 -5.32 29.65 -4.43
CA ALA A 85 -6.00 28.37 -4.49
C ALA A 85 -5.14 27.17 -3.97
N TYR A 86 -5.78 25.99 -3.92
CA TYR A 86 -5.08 24.77 -3.36
C TYR A 86 -4.76 23.64 -4.30
N VAL A 87 -3.60 23.13 -4.10
CA VAL A 87 -3.24 22.06 -4.97
C VAL A 87 -3.21 20.68 -4.33
N SER A 88 -4.08 19.85 -4.93
CA SER A 88 -4.38 18.49 -4.53
C SER A 88 -4.08 17.36 -5.56
N PRO A 89 -3.83 16.10 -5.10
CA PRO A 89 -3.76 14.94 -5.99
C PRO A 89 -5.20 14.81 -6.42
N GLY A 90 -5.54 14.26 -7.59
CA GLY A 90 -6.92 14.05 -7.88
C GLY A 90 -7.68 12.97 -7.05
N LEU A 91 -8.99 12.91 -7.08
CA LEU A 91 -9.58 12.29 -5.93
C LEU A 91 -9.86 10.85 -6.35
N ILE A 92 -9.96 9.93 -5.37
CA ILE A 92 -10.18 8.56 -5.80
C ILE A 92 -11.46 8.10 -5.26
N ASP A 93 -12.25 7.41 -6.00
CA ASP A 93 -13.51 6.97 -5.37
C ASP A 93 -13.36 5.41 -5.32
N THR A 94 -13.16 4.88 -4.09
CA THR A 94 -12.72 3.49 -3.92
C THR A 94 -13.97 2.46 -4.03
N HIS A 95 -15.20 2.95 -4.14
CA HIS A 95 -16.32 2.08 -4.31
C HIS A 95 -17.50 2.85 -4.71
N MSE A 96 -17.96 2.49 -5.94
CA MSE A 96 -19.19 2.96 -6.46
C MSE A 96 -19.75 2.27 -7.68
O MSE A 96 -19.06 1.45 -8.40
CB MSE A 96 -19.04 4.40 -6.88
CG MSE A 96 -17.75 4.63 -7.66
SE MSE A 96 -18.02 4.38 -9.57
CE MSE A 96 -19.38 5.93 -9.86
N HIS A 97 -20.92 2.75 -8.05
CA HIS A 97 -21.59 2.16 -9.11
C HIS A 97 -22.12 3.21 -10.10
N ILE A 98 -21.54 3.17 -11.29
CA ILE A 98 -21.98 4.20 -12.23
C ILE A 98 -23.47 3.97 -12.43
N GLU A 99 -23.91 2.72 -12.67
CA GLU A 99 -25.34 2.46 -12.79
C GLU A 99 -26.32 3.19 -11.82
N SER A 100 -26.01 3.42 -10.55
CA SER A 100 -27.00 4.10 -9.67
C SER A 100 -27.47 5.44 -10.12
N SER A 101 -26.70 6.13 -10.92
CA SER A 101 -27.10 7.50 -11.28
C SER A 101 -27.81 7.65 -12.60
N MSE A 102 -27.96 6.56 -13.31
CA MSE A 102 -28.89 6.46 -14.37
C MSE A 102 -28.43 7.17 -15.58
O MSE A 102 -29.20 7.62 -16.42
CB MSE A 102 -30.19 6.96 -13.86
CG MSE A 102 -30.66 6.07 -12.76
SE MSE A 102 -32.33 6.86 -11.91
CE MSE A 102 -32.54 5.60 -10.04
N ILE A 103 -27.10 7.19 -15.70
CA ILE A 103 -26.46 7.70 -16.92
C ILE A 103 -25.33 6.77 -17.37
N THR A 104 -24.98 6.78 -18.66
CA THR A 104 -23.88 5.99 -19.22
C THR A 104 -22.59 6.47 -18.56
N PRO A 105 -21.48 5.70 -18.68
CA PRO A 105 -20.28 6.12 -18.05
C PRO A 105 -19.78 7.41 -18.58
N ALA A 106 -19.93 7.68 -19.88
CA ALA A 106 -19.46 8.98 -20.52
C ALA A 106 -19.98 10.18 -19.74
N ALA A 107 -21.33 10.26 -19.63
CA ALA A 107 -22.03 11.27 -18.78
C ALA A 107 -21.39 11.37 -17.40
N TYR A 108 -21.20 10.22 -16.77
CA TYR A 108 -20.74 10.24 -15.42
C TYR A 108 -19.38 10.92 -15.41
N ALA A 109 -18.57 10.82 -16.43
CA ALA A 109 -17.17 11.24 -16.29
C ALA A 109 -17.10 12.71 -16.56
N ALA A 110 -18.04 13.18 -17.40
CA ALA A 110 -18.20 14.65 -17.56
C ALA A 110 -18.66 15.16 -16.29
N ALA A 111 -19.50 14.51 -15.55
CA ALA A 111 -19.96 15.18 -14.34
C ALA A 111 -18.89 15.25 -13.27
N VAL A 112 -18.10 14.20 -13.04
CA VAL A 112 -17.11 14.10 -11.93
C VAL A 112 -15.67 14.53 -12.20
N VAL A 113 -15.21 14.29 -13.40
CA VAL A 113 -13.88 14.77 -13.78
C VAL A 113 -13.87 16.29 -13.61
N ALA A 114 -14.76 16.98 -14.27
CA ALA A 114 -15.05 18.37 -14.00
C ALA A 114 -14.88 18.86 -12.56
N ARG A 115 -14.86 17.96 -11.57
CA ARG A 115 -14.86 18.35 -10.14
C ARG A 115 -13.65 17.94 -9.37
N GLY A 116 -12.75 17.21 -10.03
CA GLY A 116 -11.52 16.94 -9.42
C GLY A 116 -11.37 15.43 -9.39
N VAL A 117 -12.39 14.58 -9.66
CA VAL A 117 -12.23 13.11 -9.44
C VAL A 117 -11.53 12.48 -10.63
N THR A 118 -10.28 12.12 -10.54
CA THR A 118 -9.66 11.47 -11.64
C THR A 118 -9.60 9.93 -11.58
N THR A 119 -9.96 9.29 -10.49
CA THR A 119 -10.01 7.84 -10.55
C THR A 119 -11.17 7.23 -9.80
N ILE A 120 -11.94 6.38 -10.48
CA ILE A 120 -13.05 5.54 -9.86
C ILE A 120 -12.79 4.06 -9.85
N VAL A 121 -13.32 3.35 -8.88
CA VAL A 121 -13.14 1.93 -8.78
C VAL A 121 -14.59 1.51 -8.86
N TRP A 122 -15.06 0.95 -9.97
CA TRP A 122 -16.56 0.76 -10.21
C TRP A 122 -16.87 -0.66 -10.15
N ASP A 123 -17.74 -1.10 -9.23
CA ASP A 123 -18.33 -2.49 -9.40
C ASP A 123 -19.48 -2.42 -10.35
N PRO A 124 -19.37 -2.90 -11.58
CA PRO A 124 -20.53 -2.72 -12.47
C PRO A 124 -21.54 -3.95 -12.39
N HIS A 125 -21.86 -4.37 -11.16
CA HIS A 125 -22.73 -5.50 -10.89
C HIS A 125 -24.13 -5.29 -11.23
N GLU A 126 -24.53 -4.03 -11.48
CA GLU A 126 -25.88 -3.90 -11.87
C GLU A 126 -25.84 -4.23 -13.33
N PHE A 127 -24.93 -3.66 -14.09
CA PHE A 127 -24.99 -4.15 -15.46
C PHE A 127 -24.74 -5.68 -15.42
N GLY A 128 -24.03 -6.16 -14.43
CA GLY A 128 -23.61 -7.49 -14.58
C GLY A 128 -24.75 -8.51 -14.46
N ASN A 129 -25.70 -8.19 -13.57
CA ASN A 129 -26.77 -9.04 -13.35
C ASN A 129 -27.66 -8.92 -14.56
N VAL A 130 -27.75 -7.71 -15.10
CA VAL A 130 -28.72 -7.64 -16.17
C VAL A 130 -28.26 -8.46 -17.49
N HIS A 131 -26.99 -8.26 -17.94
CA HIS A 131 -26.33 -8.89 -19.11
C HIS A 131 -25.16 -9.89 -18.92
N GLY A 132 -24.68 -10.10 -17.69
CA GLY A 132 -23.61 -11.05 -17.35
C GLY A 132 -22.27 -10.54 -17.82
N VAL A 133 -21.36 -11.47 -18.10
CA VAL A 133 -20.08 -11.08 -18.65
C VAL A 133 -20.26 -10.01 -19.72
N ASP A 134 -21.28 -10.24 -20.53
CA ASP A 134 -21.53 -9.27 -21.57
C ASP A 134 -21.72 -7.84 -21.07
N GLY A 135 -22.32 -7.68 -19.89
CA GLY A 135 -22.50 -6.34 -19.34
C GLY A 135 -21.18 -5.79 -18.80
N VAL A 136 -20.28 -6.71 -18.42
CA VAL A 136 -19.03 -6.39 -17.74
C VAL A 136 -18.15 -6.08 -18.82
N ARG A 137 -18.23 -6.78 -19.99
CA ARG A 137 -17.35 -6.35 -21.14
C ARG A 137 -17.73 -4.99 -21.55
N TRP A 138 -19.02 -4.67 -21.50
CA TRP A 138 -19.43 -3.31 -21.90
C TRP A 138 -18.81 -2.17 -21.15
N ALA A 139 -18.92 -2.16 -19.85
CA ALA A 139 -18.17 -1.22 -19.04
C ALA A 139 -16.72 -1.24 -19.50
N ALA A 140 -16.11 -2.44 -19.55
CA ALA A 140 -14.70 -2.49 -20.04
C ALA A 140 -14.58 -1.48 -21.30
N LYS A 141 -15.35 -1.80 -22.34
CA LYS A 141 -15.36 -1.02 -23.55
C LYS A 141 -15.65 0.45 -23.19
N ALA A 142 -16.70 0.68 -22.38
CA ALA A 142 -17.26 2.04 -22.18
C ALA A 142 -16.20 3.06 -21.70
N ILE A 143 -15.27 2.61 -20.83
CA ILE A 143 -14.33 3.47 -20.06
C ILE A 143 -12.93 3.50 -20.66
N GLU A 144 -12.66 2.76 -21.79
CA GLU A 144 -11.30 2.65 -22.25
C GLU A 144 -10.67 3.97 -22.76
N ASN A 145 -11.48 4.88 -23.27
CA ASN A 145 -10.80 6.03 -23.77
C ASN A 145 -11.28 7.25 -23.09
N LEU A 146 -11.55 7.15 -21.79
CA LEU A 146 -12.16 8.21 -21.08
C LEU A 146 -11.18 8.99 -20.26
N PRO A 147 -11.51 10.26 -19.92
CA PRO A 147 -10.43 10.77 -19.12
C PRO A 147 -10.58 10.45 -17.62
N LEU A 148 -11.39 9.48 -17.28
CA LEU A 148 -11.53 9.08 -15.87
C LEU A 148 -10.80 7.78 -15.93
N ARG A 149 -9.84 7.50 -15.06
CA ARG A 149 -9.45 6.18 -14.94
C ARG A 149 -10.59 5.35 -14.19
N ALA A 150 -11.14 4.28 -14.72
CA ALA A 150 -12.00 3.37 -13.93
C ALA A 150 -11.30 2.00 -13.80
N ILE A 151 -10.84 1.62 -12.60
CA ILE A 151 -10.55 0.23 -12.27
C ILE A 151 -11.88 -0.55 -11.98
N LEU A 152 -12.18 -1.59 -12.74
CA LEU A 152 -13.48 -2.30 -12.61
C LEU A 152 -13.22 -3.42 -11.62
N LEU A 153 -14.18 -3.74 -10.77
CA LEU A 153 -14.07 -4.86 -9.85
C LEU A 153 -15.02 -5.87 -10.44
N ALA A 154 -14.73 -7.14 -10.25
CA ALA A 154 -15.59 -8.21 -10.77
C ALA A 154 -16.83 -8.32 -9.87
N PRO A 155 -18.02 -8.25 -10.47
CA PRO A 155 -19.28 -8.47 -9.72
C PRO A 155 -19.26 -9.84 -9.09
N SER A 156 -19.54 -9.91 -7.79
CA SER A 156 -19.19 -11.10 -7.01
C SER A 156 -20.36 -12.05 -6.72
N CYS A 157 -21.60 -11.57 -6.88
CA CYS A 157 -22.71 -12.36 -6.43
C CYS A 157 -23.77 -12.13 -7.36
N VAL A 158 -23.54 -12.70 -8.54
CA VAL A 158 -24.60 -12.72 -9.46
C VAL A 158 -25.18 -14.09 -9.81
N PRO A 159 -26.47 -14.33 -9.45
CA PRO A 159 -27.31 -13.37 -8.67
C PRO A 159 -26.97 -13.49 -7.18
N SER A 160 -27.72 -12.84 -6.28
CA SER A 160 -27.15 -12.68 -4.97
C SER A 160 -27.45 -13.87 -4.06
N ALA A 161 -28.45 -14.64 -4.50
CA ALA A 161 -28.90 -15.78 -3.73
C ALA A 161 -29.39 -16.75 -4.77
N PRO A 162 -28.48 -17.55 -5.33
CA PRO A 162 -28.88 -18.55 -6.34
C PRO A 162 -29.98 -19.45 -5.80
N GLY A 163 -31.00 -19.80 -6.62
CA GLY A 163 -32.12 -20.66 -6.29
C GLY A 163 -33.26 -19.88 -5.68
N LEU A 164 -33.03 -18.70 -5.12
CA LEU A 164 -34.13 -17.78 -4.65
C LEU A 164 -34.70 -16.79 -5.64
N GLU A 165 -34.02 -16.62 -6.77
CA GLU A 165 -34.31 -15.47 -7.72
C GLU A 165 -33.60 -15.68 -9.01
N ARG A 166 -33.95 -15.02 -10.06
CA ARG A 166 -33.35 -15.31 -11.36
C ARG A 166 -33.24 -14.00 -12.02
N GLY A 167 -32.00 -13.62 -12.33
CA GLY A 167 -31.78 -12.25 -12.85
C GLY A 167 -31.47 -12.54 -14.27
N GLY A 168 -30.57 -11.78 -14.87
CA GLY A 168 -30.20 -12.12 -16.24
C GLY A 168 -28.88 -12.90 -16.21
N ALA A 169 -28.28 -13.12 -15.07
CA ALA A 169 -26.96 -13.81 -15.14
C ALA A 169 -26.67 -14.73 -14.02
N ASP A 170 -25.58 -15.44 -14.25
CA ASP A 170 -25.17 -16.37 -13.20
C ASP A 170 -23.67 -16.59 -13.18
N PHE A 171 -22.98 -16.23 -12.10
CA PHE A 171 -21.53 -16.44 -12.04
C PHE A 171 -20.98 -17.52 -11.07
N ASP A 172 -20.37 -18.56 -11.59
CA ASP A 172 -19.66 -19.49 -10.77
C ASP A 172 -18.18 -18.97 -10.52
N ALA A 173 -17.42 -19.65 -9.65
CA ALA A 173 -15.97 -19.49 -9.54
C ALA A 173 -15.32 -19.37 -10.89
N ALA A 174 -15.57 -20.29 -11.80
CA ALA A 174 -14.83 -20.22 -13.06
C ALA A 174 -14.96 -18.83 -13.81
N ILE A 175 -16.18 -18.27 -13.82
CA ILE A 175 -16.45 -16.94 -14.39
C ILE A 175 -15.71 -15.90 -13.55
N LEU A 176 -15.88 -16.00 -12.23
CA LEU A 176 -15.04 -15.15 -11.44
C LEU A 176 -13.53 -15.28 -11.85
N ALA A 177 -12.91 -16.48 -12.06
CA ALA A 177 -11.39 -16.51 -12.33
C ALA A 177 -11.22 -15.80 -13.61
N ASP A 178 -12.18 -16.08 -14.48
CA ASP A 178 -12.11 -15.44 -15.76
C ASP A 178 -12.00 -13.83 -15.76
N LEU A 179 -13.04 -13.17 -15.20
CA LEU A 179 -12.97 -11.76 -15.08
C LEU A 179 -11.64 -11.41 -14.42
N LEU A 180 -11.23 -12.10 -13.34
CA LEU A 180 -9.95 -11.68 -12.65
C LEU A 180 -8.73 -11.76 -13.57
N SER A 181 -8.85 -12.46 -14.68
CA SER A 181 -7.69 -12.41 -15.53
C SER A 181 -7.67 -11.09 -16.35
N TRP A 182 -8.78 -10.38 -16.41
CA TRP A 182 -8.64 -9.14 -17.18
C TRP A 182 -7.79 -8.08 -16.49
N PRO A 183 -6.88 -7.44 -17.26
CA PRO A 183 -5.97 -6.34 -16.86
C PRO A 183 -6.76 -5.15 -16.31
N GLU A 184 -7.91 -4.93 -16.91
CA GLU A 184 -8.78 -3.86 -16.43
C GLU A 184 -9.39 -4.12 -15.12
N ILE A 185 -9.59 -5.38 -14.71
CA ILE A 185 -10.25 -5.73 -13.44
C ILE A 185 -9.19 -5.70 -12.38
N GLY A 186 -9.48 -5.19 -11.17
CA GLY A 186 -8.51 -4.83 -10.17
C GLY A 186 -8.76 -5.66 -8.93
N GLY A 187 -9.77 -6.54 -8.95
CA GLY A 187 -10.09 -7.30 -7.67
C GLY A 187 -11.53 -7.75 -7.76
N ILE A 188 -12.11 -8.29 -6.72
CA ILE A 188 -13.47 -8.67 -6.72
C ILE A 188 -14.31 -7.66 -5.96
N ALA A 189 -15.48 -7.41 -6.53
CA ALA A 189 -16.50 -6.59 -5.89
C ALA A 189 -17.12 -7.11 -4.64
N GLU A 190 -17.83 -6.23 -3.98
CA GLU A 190 -18.30 -6.35 -2.60
C GLU A 190 -19.11 -7.60 -2.56
N ILE A 191 -18.68 -8.53 -1.74
CA ILE A 191 -19.29 -9.81 -1.59
C ILE A 191 -20.43 -9.50 -0.62
N MSE A 192 -21.65 -9.61 -1.09
CA MSE A 192 -22.78 -9.36 -0.21
C MSE A 192 -23.37 -10.66 0.39
O MSE A 192 -24.24 -10.58 1.19
CB MSE A 192 -23.85 -8.61 -0.94
CG MSE A 192 -23.76 -8.74 -2.51
SE MSE A 192 -24.12 -6.95 -3.52
CE MSE A 192 -25.65 -5.78 -1.92
N ASN A 193 -22.88 -11.82 -0.04
CA ASN A 193 -23.30 -13.08 0.48
C ASN A 193 -22.40 -13.39 1.63
N MSE A 194 -22.50 -12.55 2.64
CA MSE A 194 -21.63 -12.65 3.77
C MSE A 194 -21.66 -13.98 4.43
O MSE A 194 -20.59 -14.58 4.63
CB MSE A 194 -21.98 -11.59 4.74
CG MSE A 194 -21.96 -10.26 4.13
SE MSE A 194 -22.79 -9.21 5.47
CE MSE A 194 -24.76 -9.62 5.25
N ARG A 195 -22.87 -14.44 4.79
CA ARG A 195 -23.11 -15.81 5.38
C ARG A 195 -22.44 -16.90 4.54
N GLY A 196 -22.69 -16.87 3.24
CA GLY A 196 -22.03 -17.74 2.32
C GLY A 196 -20.57 -17.71 2.53
N VAL A 197 -19.94 -16.57 2.56
CA VAL A 197 -18.51 -16.57 2.79
C VAL A 197 -18.17 -17.11 4.14
N ILE A 198 -18.95 -16.72 5.20
CA ILE A 198 -18.74 -17.25 6.58
C ILE A 198 -18.89 -18.79 6.78
N GLU A 199 -19.93 -19.44 6.28
CA GLU A 199 -20.15 -20.86 6.62
C GLU A 199 -19.42 -21.70 5.57
N ARG A 200 -18.55 -21.02 4.83
CA ARG A 200 -17.79 -21.72 3.85
C ARG A 200 -18.64 -22.39 2.75
N ASP A 201 -19.51 -21.59 2.14
CA ASP A 201 -20.17 -22.02 0.89
C ASP A 201 -19.25 -22.19 -0.23
N PRO A 202 -19.45 -23.26 -0.98
CA PRO A 202 -18.50 -23.65 -2.01
C PRO A 202 -18.54 -22.71 -3.21
N ARG A 203 -19.71 -22.27 -3.61
CA ARG A 203 -19.73 -21.17 -4.59
C ARG A 203 -18.95 -19.82 -4.12
N MSE A 204 -19.34 -19.29 -2.94
CA MSE A 204 -18.70 -18.14 -2.37
C MSE A 204 -17.24 -18.37 -2.06
O MSE A 204 -16.35 -17.52 -2.34
CB MSE A 204 -19.42 -17.82 -1.09
CG MSE A 204 -20.63 -17.01 -1.31
SE MSE A 204 -20.28 -15.46 -2.76
CE MSE A 204 -21.91 -15.63 -4.09
N SER A 205 -16.91 -19.51 -1.48
CA SER A 205 -15.49 -19.76 -1.22
C SER A 205 -14.64 -19.78 -2.51
N GLY A 206 -15.23 -20.26 -3.60
CA GLY A 206 -14.40 -20.65 -4.74
C GLY A 206 -14.11 -19.30 -5.32
N ILE A 207 -15.14 -18.44 -5.31
CA ILE A 207 -14.93 -17.07 -5.84
C ILE A 207 -13.80 -16.32 -5.08
N VAL A 208 -13.80 -16.35 -3.75
CA VAL A 208 -12.71 -15.86 -2.91
C VAL A 208 -11.45 -16.67 -3.04
N GLN A 209 -11.49 -17.97 -3.13
CA GLN A 209 -10.21 -18.57 -3.55
C GLN A 209 -9.69 -17.92 -4.79
N ALA A 210 -10.53 -17.60 -5.73
CA ALA A 210 -10.01 -17.20 -7.02
C ALA A 210 -9.44 -15.81 -6.85
N GLY A 211 -10.13 -14.96 -6.05
CA GLY A 211 -9.67 -13.63 -5.78
C GLY A 211 -8.28 -13.68 -5.25
N LEU A 212 -7.98 -14.75 -4.48
CA LEU A 212 -6.61 -14.89 -3.96
C LEU A 212 -5.70 -15.52 -4.86
N ALA A 213 -6.17 -16.32 -5.80
CA ALA A 213 -5.10 -17.06 -6.60
C ALA A 213 -4.55 -15.95 -7.38
N ALA A 214 -5.43 -14.98 -7.69
CA ALA A 214 -5.07 -13.87 -8.57
C ALA A 214 -4.38 -12.71 -7.96
N GLU A 215 -4.14 -12.74 -6.63
CA GLU A 215 -3.47 -11.62 -5.86
C GLU A 215 -4.04 -10.24 -6.22
N LYS A 216 -5.36 -10.05 -6.20
CA LYS A 216 -6.01 -8.79 -6.45
C LYS A 216 -6.90 -8.43 -5.27
N LEU A 217 -7.57 -7.26 -5.30
CA LEU A 217 -8.23 -6.98 -4.00
C LEU A 217 -9.47 -7.84 -3.89
N VAL A 218 -9.78 -8.29 -2.69
CA VAL A 218 -11.02 -8.94 -2.46
C VAL A 218 -11.85 -8.02 -1.58
N CYS A 219 -13.04 -7.59 -2.10
CA CYS A 219 -13.71 -6.47 -1.47
C CYS A 219 -14.94 -6.75 -0.81
N GLY A 220 -15.09 -6.29 0.44
CA GLY A 220 -16.23 -6.65 1.23
C GLY A 220 -17.51 -5.81 1.20
N HIS A 221 -18.62 -6.41 1.68
CA HIS A 221 -19.75 -5.80 2.35
C HIS A 221 -19.89 -6.50 3.63
N ALA A 222 -19.84 -5.77 4.74
CA ALA A 222 -19.90 -6.29 6.07
C ALA A 222 -20.96 -5.67 6.96
N ARG A 223 -22.15 -5.35 6.39
CA ARG A 223 -23.31 -4.83 7.12
C ARG A 223 -23.84 -5.80 8.21
N GLY A 224 -23.65 -5.45 9.52
CA GLY A 224 -24.16 -6.28 10.64
C GLY A 224 -23.04 -7.08 11.29
N LEU A 225 -22.01 -7.48 10.56
CA LEU A 225 -21.06 -8.40 11.11
C LEU A 225 -20.46 -7.86 12.38
N LYS A 226 -20.49 -8.66 13.44
CA LYS A 226 -19.73 -8.31 14.59
C LYS A 226 -18.74 -9.42 14.91
N ASN A 227 -17.82 -9.09 15.83
CA ASN A 227 -16.97 -10.05 16.52
C ASN A 227 -16.54 -11.22 15.69
N ALA A 228 -17.15 -12.38 15.89
CA ALA A 228 -16.55 -13.61 15.39
C ALA A 228 -16.71 -13.74 13.88
N ASP A 229 -17.88 -13.27 13.48
CA ASP A 229 -18.39 -13.35 12.18
C ASP A 229 -17.46 -12.52 11.33
N LEU A 230 -17.22 -11.25 11.75
CA LEU A 230 -16.25 -10.41 11.11
C LEU A 230 -14.92 -11.05 10.96
N ASN A 231 -14.42 -11.71 12.02
CA ASN A 231 -13.07 -12.30 11.96
C ASN A 231 -13.15 -13.34 10.87
N ALA A 232 -14.26 -14.09 10.79
CA ALA A 232 -14.31 -15.15 9.73
C ALA A 232 -14.27 -14.69 8.25
N PHE A 233 -15.16 -13.77 7.95
CA PHE A 233 -15.11 -12.92 6.73
C PHE A 233 -13.74 -12.46 6.44
N MSE A 234 -13.07 -11.88 7.40
CA MSE A 234 -11.67 -11.56 7.09
C MSE A 234 -10.67 -12.71 6.72
O MSE A 234 -9.94 -12.63 5.74
CB MSE A 234 -11.14 -10.66 8.16
CG MSE A 234 -11.63 -9.33 7.77
SE MSE A 234 -11.33 -8.05 9.19
CE MSE A 234 -9.55 -6.99 8.58
N ALA A 235 -10.69 -13.75 7.57
CA ALA A 235 -9.98 -14.98 7.50
C ALA A 235 -10.24 -15.55 6.16
N ALA A 236 -11.46 -15.47 5.66
CA ALA A 236 -11.73 -15.87 4.26
C ALA A 236 -10.84 -15.30 3.26
N GLY A 237 -10.46 -14.02 3.51
CA GLY A 237 -9.62 -13.15 2.66
C GLY A 237 -10.30 -11.83 2.33
N VAL A 238 -11.45 -11.48 2.91
CA VAL A 238 -12.14 -10.30 2.40
C VAL A 238 -11.55 -9.12 3.16
N SER A 239 -11.19 -8.01 2.52
CA SER A 239 -10.28 -7.08 3.21
C SER A 239 -10.75 -5.65 3.35
N SER A 240 -11.98 -5.39 2.83
CA SER A 240 -12.60 -4.05 2.98
C SER A 240 -14.08 -4.03 3.21
N ASP A 241 -14.54 -2.96 3.90
CA ASP A 241 -15.99 -2.63 3.99
C ASP A 241 -16.42 -1.10 3.77
N HIS A 242 -17.64 -0.89 3.19
CA HIS A 242 -18.32 0.39 3.17
C HIS A 242 -19.61 0.45 4.09
N GLU A 243 -20.06 -0.69 4.66
CA GLU A 243 -21.37 -0.70 5.35
C GLU A 243 -21.35 -0.19 6.72
N LEU A 244 -20.95 1.04 6.92
CA LEU A 244 -20.88 1.48 8.26
C LEU A 244 -22.22 1.96 8.73
N VAL A 245 -22.54 1.60 9.97
CA VAL A 245 -23.82 2.00 10.53
C VAL A 245 -23.65 3.05 11.64
N SER A 246 -22.47 3.20 12.21
CA SER A 246 -22.34 4.07 13.39
C SER A 246 -20.87 4.29 13.68
N GLY A 247 -20.59 5.09 14.66
CA GLY A 247 -19.22 5.50 15.00
C GLY A 247 -18.55 4.32 15.66
N GLU A 248 -19.15 3.79 16.72
CA GLU A 248 -18.76 2.51 17.23
C GLU A 248 -18.65 1.57 16.03
N ASP A 249 -19.52 1.64 15.02
CA ASP A 249 -19.31 0.68 13.93
C ASP A 249 -17.92 0.93 13.23
N LEU A 250 -17.53 2.21 13.09
CA LEU A 250 -16.36 2.53 12.27
C LEU A 250 -15.13 2.11 13.06
N MSE A 251 -15.15 2.28 14.38
CA MSE A 251 -14.07 1.78 15.19
C MSE A 251 -13.93 0.28 15.23
O MSE A 251 -12.81 -0.24 15.12
CB MSE A 251 -14.25 2.24 16.56
CG MSE A 251 -14.51 3.67 16.64
SE MSE A 251 -12.86 4.65 16.16
CE MSE A 251 -11.32 3.24 17.12
N ALA A 252 -15.04 -0.44 15.35
CA ALA A 252 -14.85 -1.88 15.48
C ALA A 252 -14.16 -2.28 14.21
N LYS A 253 -14.58 -1.76 13.03
CA LYS A 253 -14.04 -2.27 11.76
C LYS A 253 -12.63 -1.76 11.47
N LEU A 254 -12.34 -0.53 11.90
CA LEU A 254 -10.97 -0.06 11.84
C LEU A 254 -10.16 -1.01 12.76
N ARG A 255 -10.60 -1.24 14.00
CA ARG A 255 -9.68 -1.95 14.80
C ARG A 255 -9.58 -3.39 14.27
N ALA A 256 -10.45 -3.81 13.34
CA ALA A 256 -10.37 -5.17 12.86
C ALA A 256 -9.33 -5.19 11.73
N GLY A 257 -8.80 -3.98 11.33
CA GLY A 257 -7.80 -3.84 10.19
C GLY A 257 -8.36 -3.99 8.81
N LEU A 258 -9.64 -3.74 8.72
CA LEU A 258 -10.29 -3.67 7.43
C LEU A 258 -10.04 -2.37 6.74
N THR A 259 -9.71 -2.37 5.44
CA THR A 259 -9.70 -1.05 4.73
C THR A 259 -11.18 -0.56 4.66
N ILE A 260 -11.33 0.66 5.14
CA ILE A 260 -12.60 1.34 5.22
C ILE A 260 -12.89 2.17 3.98
N GLU A 261 -14.11 1.97 3.49
CA GLU A 261 -14.63 2.75 2.36
C GLU A 261 -15.74 3.68 3.00
N LEU A 262 -15.34 4.82 3.56
CA LEU A 262 -16.26 5.82 4.13
C LEU A 262 -17.07 6.44 3.09
N ARG A 263 -18.33 6.19 3.15
CA ARG A 263 -19.18 6.50 2.03
C ARG A 263 -20.14 7.57 2.40
N GLY A 264 -20.64 8.31 1.42
CA GLY A 264 -21.49 9.51 1.60
C GLY A 264 -23.02 9.31 1.52
N SER A 265 -23.43 8.11 1.06
CA SER A 265 -24.85 7.83 0.91
C SER A 265 -25.68 7.99 2.14
N HIS A 266 -25.10 7.75 3.29
CA HIS A 266 -25.83 8.27 4.42
C HIS A 266 -25.25 9.56 5.02
N ASP A 267 -25.93 10.68 4.73
CA ASP A 267 -25.45 11.99 5.17
C ASP A 267 -25.39 12.05 6.68
N HIS A 268 -26.19 11.31 7.41
CA HIS A 268 -26.35 11.57 8.86
C HIS A 268 -25.41 10.80 9.76
N LEU A 269 -24.80 9.75 9.22
CA LEU A 269 -23.70 9.12 9.95
C LEU A 269 -22.35 9.86 9.73
N LEU A 270 -22.21 10.62 8.64
CA LEU A 270 -21.06 11.53 8.56
C LEU A 270 -20.56 12.18 9.83
N PRO A 271 -21.40 13.04 10.50
CA PRO A 271 -20.87 13.68 11.78
C PRO A 271 -20.36 12.69 12.88
N GLU A 272 -21.08 11.57 13.14
CA GLU A 272 -20.59 10.40 13.87
C GLU A 272 -19.21 9.94 13.45
N PHE A 273 -18.98 9.66 12.17
CA PHE A 273 -17.67 9.28 11.78
C PHE A 273 -16.74 10.46 12.09
N VAL A 274 -17.12 11.73 11.81
CA VAL A 274 -16.12 12.77 12.03
C VAL A 274 -15.85 12.84 13.55
N ALA A 275 -16.86 12.71 14.36
CA ALA A 275 -16.51 12.72 15.79
C ALA A 275 -15.54 11.60 16.07
N ALA A 276 -15.82 10.35 15.66
CA ALA A 276 -14.99 9.23 16.09
C ALA A 276 -13.58 9.50 15.59
N LEU A 277 -13.39 9.91 14.32
CA LEU A 277 -12.03 10.17 13.89
C LEU A 277 -11.37 11.24 14.74
N ASN A 278 -12.08 12.32 15.05
CA ASN A 278 -11.41 13.50 15.77
C ASN A 278 -11.03 13.13 17.24
N THR A 279 -11.90 12.45 17.96
CA THR A 279 -11.57 11.85 19.20
C THR A 279 -10.42 10.82 18.99
N LEU A 280 -10.22 10.30 17.78
CA LEU A 280 -9.02 9.46 17.64
C LEU A 280 -7.78 10.26 17.65
N GLY A 281 -7.80 11.44 17.00
CA GLY A 281 -6.66 12.35 17.09
C GLY A 281 -5.93 12.32 15.79
N HIS A 282 -5.78 11.15 15.13
CA HIS A 282 -5.19 11.10 13.80
C HIS A 282 -6.09 10.41 12.81
N LEU A 283 -5.82 10.56 11.50
CA LEU A 283 -6.59 9.73 10.57
C LEU A 283 -5.79 8.44 10.21
N PRO A 284 -6.37 7.25 10.54
CA PRO A 284 -5.72 6.03 10.19
C PRO A 284 -5.54 5.85 8.66
N GLN A 285 -4.37 5.32 8.28
CA GLN A 285 -4.08 5.18 6.92
C GLN A 285 -4.95 4.13 6.39
N THR A 286 -5.70 3.40 7.18
CA THR A 286 -6.62 2.54 6.33
C THR A 286 -7.98 3.15 5.91
N VAL A 287 -8.14 4.48 5.99
CA VAL A 287 -9.44 5.10 5.63
C VAL A 287 -9.42 5.60 4.23
N THR A 288 -10.40 5.17 3.38
CA THR A 288 -10.61 5.73 2.07
C THR A 288 -12.03 6.37 1.91
N LEU A 289 -12.25 7.06 0.78
CA LEU A 289 -13.54 7.70 0.53
C LEU A 289 -14.11 7.02 -0.64
N CYS A 290 -15.45 6.92 -0.61
CA CYS A 290 -16.13 6.41 -1.73
C CYS A 290 -17.46 7.10 -1.83
N THR A 291 -18.23 6.75 -2.85
CA THR A 291 -19.60 7.33 -3.07
C THR A 291 -20.59 6.25 -3.13
N ASP A 292 -20.19 5.01 -3.35
CA ASP A 292 -21.20 3.99 -3.40
C ASP A 292 -22.36 4.41 -4.37
N ASP A 293 -23.53 4.84 -3.91
CA ASP A 293 -24.56 5.08 -4.91
C ASP A 293 -25.17 6.35 -4.63
N VAL A 294 -25.33 7.07 -5.74
CA VAL A 294 -25.63 8.50 -5.82
C VAL A 294 -26.64 8.72 -6.89
N PHE A 295 -27.82 9.10 -6.47
CA PHE A 295 -28.87 9.30 -7.50
C PHE A 295 -28.54 10.52 -8.37
N PRO A 296 -29.14 10.57 -9.59
CA PRO A 296 -28.87 11.53 -10.62
C PRO A 296 -28.94 12.97 -10.04
N ASP A 297 -30.08 13.29 -9.34
CA ASP A 297 -30.23 14.54 -8.57
C ASP A 297 -29.05 14.95 -7.71
N ASP A 298 -28.74 14.11 -6.71
CA ASP A 298 -27.48 14.31 -5.95
C ASP A 298 -26.14 14.59 -6.70
N LEU A 299 -25.90 13.80 -7.76
CA LEU A 299 -24.73 13.99 -8.59
C LEU A 299 -24.76 15.42 -9.23
N LEU A 300 -25.98 15.78 -9.74
CA LEU A 300 -26.26 17.07 -10.29
C LEU A 300 -26.09 18.07 -9.13
N GLN A 301 -26.87 18.10 -8.07
CA GLN A 301 -26.61 19.27 -7.15
C GLN A 301 -25.40 19.12 -6.27
N GLY A 302 -25.14 17.93 -5.70
CA GLY A 302 -24.01 17.80 -4.73
C GLY A 302 -22.64 17.46 -5.36
N GLY A 303 -22.61 16.44 -6.22
CA GLY A 303 -21.28 15.88 -6.61
C GLY A 303 -21.06 14.34 -6.55
N GLY A 304 -19.82 13.87 -6.80
CA GLY A 304 -19.47 12.50 -6.54
C GLY A 304 -18.55 12.53 -5.34
N LEU A 305 -17.40 11.93 -5.56
CA LEU A 305 -16.41 11.83 -4.58
C LEU A 305 -16.05 13.23 -4.05
N ASP A 306 -16.13 14.25 -4.87
CA ASP A 306 -15.92 15.60 -4.39
C ASP A 306 -16.83 16.03 -3.18
N ASP A 307 -18.12 15.68 -3.30
CA ASP A 307 -19.09 15.90 -2.18
C ASP A 307 -18.74 15.23 -0.79
N VAL A 308 -18.14 14.04 -0.87
CA VAL A 308 -17.83 13.31 0.37
C VAL A 308 -16.70 14.15 1.02
N VAL A 309 -15.66 14.53 0.29
CA VAL A 309 -14.71 15.46 0.83
C VAL A 309 -15.49 16.65 1.48
N ARG A 310 -16.41 17.22 0.71
CA ARG A 310 -17.05 18.47 0.98
C ARG A 310 -17.86 18.42 2.29
N ARG A 311 -18.74 17.43 2.34
CA ARG A 311 -19.50 17.28 3.49
C ARG A 311 -18.73 16.90 4.68
N LEU A 312 -17.62 16.20 4.56
CA LEU A 312 -16.88 15.83 5.75
C LEU A 312 -16.24 17.11 6.26
N VAL A 313 -15.74 17.95 5.32
CA VAL A 313 -15.17 19.13 5.85
C VAL A 313 -16.31 19.92 6.51
N ARG A 314 -17.50 19.95 5.93
CA ARG A 314 -18.65 20.65 6.54
C ARG A 314 -19.08 20.01 7.91
N TYR A 315 -18.98 18.69 8.08
CA TYR A 315 -19.15 18.23 9.40
C TYR A 315 -17.87 18.31 10.24
N GLY A 316 -16.84 19.00 9.78
CA GLY A 316 -15.78 19.46 10.74
C GLY A 316 -14.60 18.50 10.87
N LEU A 317 -14.51 17.53 9.92
CA LEU A 317 -13.27 16.93 9.62
C LEU A 317 -12.15 17.85 8.96
N LYS A 318 -10.99 17.93 9.50
CA LYS A 318 -10.03 18.72 8.78
C LYS A 318 -9.87 18.36 7.27
N PRO A 319 -9.78 19.40 6.37
CA PRO A 319 -9.59 19.08 4.91
C PRO A 319 -8.36 18.23 4.60
N GLU A 320 -7.33 18.26 5.47
CA GLU A 320 -6.05 17.60 5.24
C GLU A 320 -6.41 16.16 5.28
N TRP A 321 -7.23 15.75 6.28
CA TRP A 321 -7.72 14.34 6.41
C TRP A 321 -8.66 13.99 5.38
N ALA A 322 -9.65 14.81 5.00
CA ALA A 322 -10.61 14.27 4.09
C ALA A 322 -9.92 13.95 2.74
N LEU A 323 -8.88 14.73 2.44
CA LEU A 323 -8.29 14.62 1.18
C LEU A 323 -7.22 13.52 1.21
N ARG A 324 -6.62 13.39 2.38
CA ARG A 324 -5.60 12.41 2.47
C ARG A 324 -6.29 11.17 2.20
N ALA A 325 -7.49 11.04 2.76
CA ALA A 325 -8.23 9.77 2.64
C ALA A 325 -8.69 9.64 1.25
N ALA A 326 -9.08 10.75 0.61
CA ALA A 326 -9.49 10.66 -0.82
C ALA A 326 -8.38 10.44 -1.84
N THR A 327 -7.15 10.51 -1.40
CA THR A 327 -6.06 10.43 -2.33
C THR A 327 -5.07 9.37 -1.90
N LEU A 328 -4.06 9.64 -1.06
CA LEU A 328 -2.94 8.78 -0.87
C LEU A 328 -3.47 7.42 -0.34
N ASN A 329 -4.29 7.50 0.71
CA ASN A 329 -4.89 6.37 1.27
C ASN A 329 -5.48 5.55 0.17
N ALA A 330 -6.25 6.16 -0.68
CA ALA A 330 -6.84 5.41 -1.75
C ALA A 330 -5.82 4.75 -2.70
N ALA A 331 -4.67 5.42 -2.93
CA ALA A 331 -3.60 4.87 -3.80
C ALA A 331 -2.96 3.61 -3.25
N GLN A 332 -2.62 3.65 -1.96
CA GLN A 332 -2.06 2.55 -1.20
C GLN A 332 -2.98 1.29 -1.36
N ARG A 333 -4.20 1.49 -0.95
CA ARG A 333 -5.17 0.43 -1.03
C ARG A 333 -5.08 -0.26 -2.37
N LEU A 334 -5.04 0.55 -3.45
CA LEU A 334 -4.99 0.04 -4.83
C LEU A 334 -3.53 -0.35 -5.33
N GLY A 335 -2.56 -0.27 -4.49
CA GLY A 335 -1.28 -0.73 -4.92
C GLY A 335 -0.86 0.15 -6.04
N ARG A 336 -1.31 1.42 -6.12
CA ARG A 336 -1.02 2.19 -7.39
C ARG A 336 -0.11 3.32 -6.94
N SER A 337 1.12 3.13 -7.00
CA SER A 337 1.87 3.99 -6.19
C SER A 337 2.24 5.21 -7.17
N ASP A 338 1.79 5.17 -8.43
CA ASP A 338 1.76 6.30 -9.29
C ASP A 338 0.72 7.30 -8.83
N LEU A 339 -0.25 6.92 -7.99
CA LEU A 339 -1.25 7.97 -7.71
C LEU A 339 -1.31 8.51 -6.29
N GLY A 340 -2.41 9.24 -6.14
CA GLY A 340 -2.74 9.82 -4.91
C GLY A 340 -1.88 10.83 -4.23
N LEU A 341 -0.72 11.14 -4.78
CA LEU A 341 0.17 12.13 -4.08
C LEU A 341 1.00 13.07 -5.00
N ILE A 342 1.08 14.35 -4.66
CA ILE A 342 1.84 15.38 -5.47
C ILE A 342 3.38 15.29 -5.21
N ALA A 343 4.06 14.49 -6.02
CA ALA A 343 5.51 14.42 -5.88
C ALA A 343 6.23 14.07 -7.20
N ALA A 344 7.43 14.58 -7.37
CA ALA A 344 8.23 14.06 -8.43
C ALA A 344 8.16 12.50 -8.51
N GLY A 345 7.97 12.03 -9.75
CA GLY A 345 8.03 10.63 -10.09
C GLY A 345 6.64 9.96 -10.05
N ARG A 346 5.57 10.71 -9.82
CA ARG A 346 4.19 10.21 -9.70
C ARG A 346 3.35 10.77 -10.84
N ARG A 347 2.11 10.31 -10.95
CA ARG A 347 1.23 10.79 -11.99
C ARG A 347 0.65 12.19 -11.86
N ALA A 348 0.43 12.89 -12.97
CA ALA A 348 0.01 14.32 -12.82
C ALA A 348 -1.48 14.24 -12.94
N ASP A 349 -2.10 13.72 -11.88
CA ASP A 349 -3.57 13.73 -11.73
C ASP A 349 -3.67 14.68 -10.60
N ILE A 350 -4.03 15.91 -10.97
CA ILE A 350 -3.88 17.02 -10.06
C ILE A 350 -5.18 17.75 -10.10
N VAL A 351 -5.79 18.11 -8.99
CA VAL A 351 -6.92 18.97 -9.08
C VAL A 351 -6.54 20.29 -8.37
N VAL A 352 -6.81 21.49 -8.92
CA VAL A 352 -6.71 22.74 -8.14
C VAL A 352 -7.98 23.35 -7.54
N PHE A 353 -7.93 23.65 -6.23
CA PHE A 353 -9.28 23.92 -5.50
C PHE A 353 -9.27 25.35 -5.15
N GLU A 354 -10.37 26.03 -5.49
CA GLU A 354 -10.62 27.42 -5.11
C GLU A 354 -10.39 27.46 -3.62
N ASP A 355 -11.04 26.64 -2.79
CA ASP A 355 -10.69 26.54 -1.33
C ASP A 355 -11.15 25.20 -0.76
N LEU A 356 -10.96 25.04 0.57
CA LEU A 356 -11.12 23.80 1.25
C LEU A 356 -12.40 23.87 2.08
N ASN A 357 -13.28 24.81 1.71
CA ASN A 357 -14.60 24.63 2.15
C ASN A 357 -15.45 24.16 0.98
N GLY A 358 -15.47 24.89 -0.10
CA GLY A 358 -16.42 24.50 -1.18
C GLY A 358 -15.84 23.49 -2.18
N PHE A 359 -14.52 23.39 -2.19
CA PHE A 359 -13.83 22.58 -3.20
C PHE A 359 -14.36 22.80 -4.56
N SER A 360 -14.51 24.07 -4.92
CA SER A 360 -14.71 24.30 -6.35
C SER A 360 -13.49 23.84 -7.10
N ALA A 361 -13.74 23.13 -8.20
CA ALA A 361 -12.61 22.81 -9.17
C ALA A 361 -12.16 23.99 -10.18
N ARG A 362 -11.06 24.67 -9.96
CA ARG A 362 -10.65 25.75 -10.87
C ARG A 362 -10.03 25.14 -12.09
N HIS A 363 -9.35 24.00 -11.94
CA HIS A 363 -8.60 23.24 -12.96
C HIS A 363 -8.48 21.81 -12.54
N VAL A 364 -8.49 20.95 -13.56
CA VAL A 364 -8.17 19.56 -13.34
C VAL A 364 -7.16 18.94 -14.37
N LEU A 365 -6.14 18.20 -13.91
CA LEU A 365 -5.34 17.41 -14.80
C LEU A 365 -5.58 15.86 -14.66
N ALA A 366 -5.42 15.14 -15.78
CA ALA A 366 -5.36 13.68 -15.87
C ALA A 366 -4.15 13.40 -16.79
N SER A 367 -3.06 12.87 -16.21
CA SER A 367 -1.98 12.32 -16.90
C SER A 367 -1.27 13.54 -17.52
N GLY A 368 -1.51 14.67 -16.89
CA GLY A 368 -0.72 15.75 -17.16
C GLY A 368 -1.43 16.55 -18.20
N ARG A 369 -2.61 16.19 -18.73
CA ARG A 369 -3.33 17.10 -19.61
C ARG A 369 -4.41 17.80 -18.88
N ALA A 370 -4.57 19.11 -19.17
CA ALA A 370 -5.70 19.93 -18.65
C ALA A 370 -7.09 19.30 -19.05
N VAL A 371 -7.91 18.85 -18.09
CA VAL A 371 -9.20 18.30 -18.62
C VAL A 371 -10.50 19.06 -18.39
N ALA A 372 -10.50 19.89 -17.35
CA ALA A 372 -11.68 20.64 -17.00
C ALA A 372 -11.13 21.98 -16.53
N GLU A 373 -11.87 23.04 -16.80
CA GLU A 373 -11.48 24.28 -16.19
C GLU A 373 -12.78 24.93 -15.71
N GLY A 374 -12.73 25.49 -14.50
CA GLY A 374 -13.88 26.17 -13.99
C GLY A 374 -15.21 25.38 -14.04
N GLY A 375 -15.22 24.03 -13.93
CA GLY A 375 -16.48 23.31 -13.79
C GLY A 375 -16.82 22.76 -15.15
N ARG A 376 -16.01 23.10 -16.13
CA ARG A 376 -16.40 22.66 -17.45
C ARG A 376 -15.30 21.86 -18.10
N MSE A 377 -15.65 20.78 -18.73
CA MSE A 377 -14.68 20.05 -19.53
C MSE A 377 -13.96 20.81 -20.60
O MSE A 377 -14.55 21.56 -21.36
CB MSE A 377 -15.43 18.96 -20.25
CG MSE A 377 -16.13 17.98 -19.36
SE MSE A 377 -14.77 16.99 -18.17
CE MSE A 377 -13.41 16.20 -19.41
N LEU A 378 -12.68 20.58 -20.76
CA LEU A 378 -12.08 21.08 -21.99
C LEU A 378 -11.84 20.00 -23.07
N VAL A 379 -12.12 18.71 -22.81
CA VAL A 379 -11.77 17.76 -23.82
C VAL A 379 -12.99 16.97 -24.09
N ASP A 380 -13.01 16.21 -25.16
CA ASP A 380 -14.26 15.50 -25.40
C ASP A 380 -14.29 14.11 -24.76
N ILE A 381 -15.52 13.70 -24.40
CA ILE A 381 -15.71 12.39 -23.87
C ILE A 381 -16.21 11.34 -24.94
N PRO A 382 -15.38 10.39 -25.37
CA PRO A 382 -15.95 9.37 -26.18
C PRO A 382 -17.21 8.78 -25.62
N THR A 383 -18.37 8.98 -26.31
CA THR A 383 -19.61 8.16 -26.20
C THR A 383 -19.35 6.66 -26.57
N CYS A 384 -20.24 5.72 -26.33
CA CYS A 384 -19.93 4.36 -26.72
C CYS A 384 -21.25 3.66 -27.10
N ASP A 385 -21.22 2.87 -28.14
CA ASP A 385 -22.41 2.23 -28.57
C ASP A 385 -23.19 1.52 -27.48
N THR A 386 -24.24 2.20 -27.14
CA THR A 386 -25.23 1.69 -26.20
C THR A 386 -26.17 0.60 -26.66
N THR A 387 -26.08 0.19 -27.93
CA THR A 387 -26.93 -0.87 -28.49
C THR A 387 -27.23 -2.09 -27.60
N VAL A 388 -26.25 -2.87 -27.27
CA VAL A 388 -26.52 -4.09 -26.53
C VAL A 388 -27.19 -3.90 -25.16
N LEU A 389 -27.06 -2.72 -24.58
CA LEU A 389 -27.85 -2.36 -23.41
C LEU A 389 -29.36 -2.14 -23.69
N LYS A 390 -29.79 -2.11 -24.95
CA LYS A 390 -31.22 -1.98 -25.23
C LYS A 390 -31.96 -3.27 -25.47
N GLY A 391 -33.28 -3.14 -25.44
CA GLY A 391 -34.18 -4.28 -25.53
C GLY A 391 -34.17 -5.18 -24.33
N SER A 392 -33.87 -4.64 -23.14
CA SER A 392 -33.78 -5.53 -21.99
C SER A 392 -35.09 -5.80 -21.17
N MSE A 393 -36.26 -5.40 -21.67
CA MSE A 393 -37.54 -5.92 -21.20
C MSE A 393 -37.99 -7.01 -22.10
O MSE A 393 -38.37 -6.71 -23.26
CB MSE A 393 -38.58 -4.86 -21.30
CG MSE A 393 -38.05 -3.57 -20.74
SE MSE A 393 -37.56 -3.82 -18.80
CE MSE A 393 -39.48 -4.06 -18.10
N LYS A 394 -37.97 -8.25 -21.60
CA LYS A 394 -38.35 -9.35 -22.48
C LYS A 394 -39.61 -10.09 -21.99
N LEU A 395 -40.69 -9.27 -21.98
CA LEU A 395 -42.05 -9.70 -21.49
C LEU A 395 -43.25 -8.95 -22.11
N PRO A 396 -44.31 -9.66 -22.48
CA PRO A 396 -45.53 -8.92 -23.01
C PRO A 396 -46.29 -8.04 -22.00
N LEU A 397 -46.78 -6.88 -22.46
CA LEU A 397 -47.39 -5.89 -21.56
C LEU A 397 -48.22 -6.53 -20.42
N ARG A 398 -48.23 -5.98 -19.24
CA ARG A 398 -48.96 -6.60 -18.19
C ARG A 398 -50.41 -6.10 -18.15
N MSE A 399 -51.23 -7.00 -17.59
CA MSE A 399 -52.67 -7.00 -17.56
C MSE A 399 -53.15 -6.73 -16.14
O MSE A 399 -52.64 -7.39 -15.19
CB MSE A 399 -52.99 -8.48 -17.73
CG MSE A 399 -54.43 -8.88 -18.01
SE MSE A 399 -54.69 -8.57 -19.99
CE MSE A 399 -56.69 -7.52 -20.08
N ALA A 400 -54.16 -5.89 -15.95
CA ALA A 400 -55.10 -6.08 -14.78
C ALA A 400 -54.91 -7.33 -13.83
N ASN A 401 -55.19 -8.53 -14.33
CA ASN A 401 -55.06 -9.70 -13.47
C ASN A 401 -53.60 -10.09 -13.14
N ASP A 402 -52.56 -9.81 -13.95
CA ASP A 402 -51.17 -10.21 -13.48
C ASP A 402 -50.92 -9.91 -11.87
N PHE A 403 -51.46 -8.77 -11.44
CA PHE A 403 -51.34 -8.36 -10.09
C PHE A 403 -52.26 -9.03 -9.01
N LEU A 404 -53.18 -9.93 -9.38
CA LEU A 404 -54.03 -10.57 -8.33
C LEU A 404 -53.64 -11.96 -8.10
N VAL A 405 -53.75 -12.35 -6.83
CA VAL A 405 -53.58 -13.72 -6.43
C VAL A 405 -54.91 -14.45 -6.49
N LYS A 406 -55.22 -14.95 -7.72
CA LYS A 406 -56.01 -16.16 -8.00
C LYS A 406 -55.72 -17.17 -6.94
N SER A 407 -56.73 -17.58 -6.17
CA SER A 407 -56.67 -18.70 -5.13
C SER A 407 -58.04 -19.38 -5.12
N GLN A 408 -58.29 -20.29 -4.17
CA GLN A 408 -59.43 -21.18 -4.41
C GLN A 408 -60.63 -21.15 -3.49
N GLY A 409 -60.44 -21.09 -2.17
CA GLY A 409 -61.62 -21.10 -1.20
C GLY A 409 -62.59 -19.92 -1.41
N ALA A 410 -63.02 -19.32 -0.29
CA ALA A 410 -63.67 -17.98 -0.27
C ALA A 410 -63.06 -17.20 0.90
N LYS A 411 -62.15 -17.87 1.63
CA LYS A 411 -61.48 -17.36 2.86
C LYS A 411 -60.14 -18.02 2.84
N VAL A 412 -59.06 -17.22 2.88
CA VAL A 412 -57.70 -17.79 2.87
C VAL A 412 -56.91 -17.18 3.92
N ARG A 413 -55.82 -17.86 4.24
CA ARG A 413 -54.85 -17.40 5.19
C ARG A 413 -53.60 -17.03 4.38
N LEU A 414 -53.21 -15.76 4.47
CA LEU A 414 -52.11 -15.26 3.72
C LEU A 414 -50.95 -15.11 4.60
N ALA A 415 -49.77 -15.55 4.13
CA ALA A 415 -48.41 -15.16 4.64
C ALA A 415 -48.17 -13.64 4.29
N THR A 416 -47.46 -12.81 5.09
CA THR A 416 -47.28 -11.33 4.69
C THR A 416 -45.80 -10.91 4.72
N ILE A 417 -45.43 -9.80 4.03
CA ILE A 417 -44.08 -9.31 4.27
C ILE A 417 -44.13 -8.12 5.17
N ASP A 418 -44.20 -8.42 6.44
CA ASP A 418 -44.28 -7.42 7.45
C ASP A 418 -42.91 -6.63 7.59
N ARG A 419 -43.00 -5.27 7.64
CA ARG A 419 -41.91 -4.31 8.00
C ARG A 419 -40.98 -3.88 6.84
N PRO A 420 -40.89 -2.55 6.51
CA PRO A 420 -39.96 -2.02 5.53
C PRO A 420 -38.61 -2.11 6.10
N ARG A 421 -37.72 -2.64 5.29
CA ARG A 421 -36.30 -2.86 5.68
C ARG A 421 -36.04 -4.10 6.50
N PHE A 422 -36.60 -4.11 7.70
CA PHE A 422 -36.32 -5.16 8.63
C PHE A 422 -37.46 -6.13 8.56
N THR A 423 -37.30 -7.24 7.84
CA THR A 423 -38.51 -7.85 7.39
C THR A 423 -38.75 -9.05 8.19
N GLN A 424 -40.01 -9.48 8.16
CA GLN A 424 -40.45 -10.58 9.02
C GLN A 424 -41.72 -11.10 8.56
N TRP A 425 -41.85 -12.38 8.81
CA TRP A 425 -43.06 -13.07 8.47
C TRP A 425 -44.22 -12.54 9.36
N GLY A 426 -45.39 -12.50 8.71
CA GLY A 426 -46.56 -12.21 9.46
C GLY A 426 -47.65 -12.82 8.64
N GLU A 427 -48.83 -12.99 9.26
CA GLU A 427 -49.93 -13.37 8.41
C GLU A 427 -51.26 -12.69 8.77
N THR A 428 -52.27 -13.05 8.02
CA THR A 428 -53.56 -12.55 8.32
C THR A 428 -54.49 -13.44 7.59
N GLU A 429 -55.72 -13.38 8.06
CA GLU A 429 -56.82 -13.95 7.34
C GLU A 429 -56.98 -13.07 6.09
N ALA A 430 -57.65 -13.54 5.07
CA ALA A 430 -58.16 -12.55 4.16
C ALA A 430 -59.13 -13.21 3.25
N ASP A 431 -59.86 -12.35 2.52
CA ASP A 431 -61.13 -12.71 1.92
C ASP A 431 -61.03 -12.97 0.47
N VAL A 432 -61.57 -14.09 -0.03
CA VAL A 432 -61.56 -14.36 -1.53
C VAL A 432 -62.88 -14.11 -2.28
N LYS A 433 -62.88 -14.16 -3.62
CA LYS A 433 -64.00 -13.69 -4.46
C LYS A 433 -63.56 -13.58 -5.89
N ASP A 434 -63.85 -14.60 -6.68
CA ASP A 434 -63.70 -14.66 -8.17
C ASP A 434 -62.39 -15.37 -8.63
N GLY A 435 -61.91 -16.33 -7.85
CA GLY A 435 -60.54 -16.88 -8.06
C GLY A 435 -59.53 -15.73 -7.95
N PHE A 436 -59.63 -14.89 -6.93
CA PHE A 436 -58.69 -13.77 -6.74
C PHE A 436 -58.70 -13.34 -5.23
N VAL A 437 -57.64 -13.54 -4.44
CA VAL A 437 -57.67 -13.01 -3.09
C VAL A 437 -58.14 -11.53 -3.18
N VAL A 438 -58.90 -10.99 -2.25
CA VAL A 438 -59.00 -9.56 -2.23
C VAL A 438 -57.80 -9.09 -1.46
N PRO A 439 -57.14 -8.01 -1.91
CA PRO A 439 -56.10 -7.46 -0.97
C PRO A 439 -56.65 -7.24 0.45
N PRO A 440 -56.08 -7.89 1.46
CA PRO A 440 -56.39 -7.60 2.82
C PRO A 440 -56.19 -6.12 3.10
N GLU A 441 -56.88 -5.53 4.09
CA GLU A 441 -56.63 -4.13 4.47
C GLU A 441 -55.41 -3.86 5.30
N GLY A 442 -54.78 -2.70 5.02
CA GLY A 442 -53.46 -2.30 5.62
C GLY A 442 -52.28 -2.87 4.79
N ALA A 443 -52.64 -3.35 3.59
CA ALA A 443 -51.71 -4.19 2.83
C ALA A 443 -51.47 -3.75 1.35
N THR A 444 -50.19 -3.65 1.05
CA THR A 444 -49.76 -3.07 -0.14
C THR A 444 -49.15 -4.27 -0.96
N MSE A 445 -49.54 -4.42 -2.24
CA MSE A 445 -48.93 -5.45 -2.97
C MSE A 445 -47.57 -5.08 -3.41
O MSE A 445 -47.29 -3.91 -3.72
CB MSE A 445 -49.70 -5.78 -4.19
CG MSE A 445 -50.81 -6.72 -3.96
SE MSE A 445 -52.24 -5.45 -3.92
CE MSE A 445 -53.47 -6.15 -5.57
N ILE A 446 -46.71 -6.10 -3.40
CA ILE A 446 -45.45 -6.12 -4.14
C ILE A 446 -45.51 -7.24 -5.23
N SER A 447 -45.53 -6.85 -6.52
CA SER A 447 -45.62 -7.81 -7.55
C SER A 447 -44.35 -7.77 -8.26
N VAL A 448 -43.76 -8.97 -8.54
CA VAL A 448 -42.43 -8.98 -9.18
C VAL A 448 -42.37 -9.94 -10.32
N THR A 449 -41.74 -9.53 -11.39
CA THR A 449 -41.95 -10.24 -12.65
C THR A 449 -40.64 -10.32 -13.37
N HIS A 450 -40.15 -11.57 -13.55
CA HIS A 450 -38.99 -11.85 -14.33
C HIS A 450 -38.99 -11.14 -15.67
N ARG A 451 -38.12 -10.11 -15.83
CA ARG A 451 -38.06 -9.41 -17.07
C ARG A 451 -36.89 -9.72 -18.07
N HIS A 452 -36.02 -10.67 -17.79
CA HIS A 452 -34.84 -10.84 -18.56
C HIS A 452 -34.99 -11.89 -19.66
N GLY A 453 -36.12 -12.58 -19.76
CA GLY A 453 -36.33 -13.62 -20.76
C GLY A 453 -35.62 -14.92 -20.44
N MSE A 454 -35.05 -14.99 -19.25
CA MSE A 454 -34.29 -16.18 -18.81
C MSE A 454 -35.10 -17.23 -18.16
O MSE A 454 -34.52 -18.06 -17.53
CB MSE A 454 -33.27 -15.81 -17.74
CG MSE A 454 -32.27 -14.72 -18.09
SE MSE A 454 -31.24 -15.45 -19.59
CE MSE A 454 -29.19 -16.36 -18.39
N ALA A 455 -36.42 -17.14 -18.33
CA ALA A 455 -37.45 -17.49 -17.29
C ALA A 455 -38.97 -17.14 -17.64
N GLU A 456 -39.95 -17.84 -17.11
CA GLU A 456 -41.31 -17.48 -17.43
C GLU A 456 -41.79 -16.13 -16.95
N PRO A 457 -42.34 -15.27 -17.85
CA PRO A 457 -42.87 -13.93 -17.48
C PRO A 457 -43.99 -13.86 -16.42
N THR A 458 -43.97 -14.75 -15.45
CA THR A 458 -45.06 -14.85 -14.47
C THR A 458 -44.95 -13.76 -13.40
N THR A 459 -45.99 -12.92 -13.27
CA THR A 459 -46.08 -11.88 -12.22
C THR A 459 -46.39 -12.51 -10.84
N LYS A 460 -45.66 -12.09 -9.82
CA LYS A 460 -45.54 -12.89 -8.61
C LYS A 460 -45.81 -11.94 -7.52
N THR A 461 -46.92 -12.18 -6.82
CA THR A 461 -47.42 -11.08 -6.01
C THR A 461 -47.44 -11.41 -4.60
N GLY A 462 -46.92 -10.51 -3.74
CA GLY A 462 -46.88 -10.79 -2.30
C GLY A 462 -47.63 -9.67 -1.56
N PHE A 463 -47.89 -9.87 -0.27
CA PHE A 463 -48.54 -8.78 0.50
C PHE A 463 -47.67 -8.11 1.55
N LEU A 464 -47.25 -6.88 1.29
CA LEU A 464 -46.48 -6.17 2.32
C LEU A 464 -47.34 -5.47 3.40
N THR A 465 -46.68 -4.99 4.46
CA THR A 465 -47.30 -4.38 5.61
C THR A 465 -46.25 -3.53 6.25
N GLY A 466 -46.62 -2.30 6.63
CA GLY A 466 -45.74 -1.35 7.30
C GLY A 466 -45.48 -0.23 6.35
N TRP A 467 -46.22 -0.24 5.23
CA TRP A 467 -45.92 0.57 4.11
C TRP A 467 -46.96 1.61 3.81
N GLY A 468 -47.85 1.90 4.77
CA GLY A 468 -48.90 2.92 4.53
C GLY A 468 -50.01 2.61 3.50
N ARG A 469 -50.75 3.60 3.08
CA ARG A 469 -51.91 3.34 2.23
C ARG A 469 -51.56 3.91 0.89
N TRP A 470 -51.66 3.01 -0.12
CA TRP A 470 -51.31 3.31 -1.60
C TRP A 470 -52.38 3.88 -2.48
N ASN A 471 -52.34 5.20 -2.57
CA ASN A 471 -53.29 5.80 -3.49
C ASN A 471 -52.77 5.58 -4.93
N GLY A 472 -52.78 4.33 -5.38
CA GLY A 472 -52.00 4.02 -6.61
C GLY A 472 -50.75 3.17 -6.43
N ALA A 473 -49.81 3.36 -7.36
CA ALA A 473 -48.73 2.41 -7.65
C ALA A 473 -47.38 2.99 -8.12
N PHE A 474 -46.28 2.22 -7.96
CA PHE A 474 -44.96 2.57 -8.47
C PHE A 474 -44.10 1.38 -8.93
N ALA A 475 -43.85 1.33 -10.22
CA ALA A 475 -43.10 0.40 -10.96
C ALA A 475 -41.65 0.90 -11.32
N THR A 476 -40.74 -0.09 -11.36
CA THR A 476 -39.27 0.14 -11.49
C THR A 476 -38.57 -1.15 -11.92
N THR A 477 -37.61 -1.08 -12.80
CA THR A 477 -36.91 -2.25 -13.21
C THR A 477 -35.48 -2.11 -12.69
N VAL A 478 -35.28 -1.11 -11.78
CA VAL A 478 -34.14 -1.06 -10.94
C VAL A 478 -34.66 -1.58 -9.63
N SER A 479 -34.06 -2.64 -9.16
CA SER A 479 -34.52 -3.36 -8.03
C SER A 479 -33.32 -4.22 -7.57
N HIS A 480 -32.49 -3.80 -6.61
CA HIS A 480 -31.27 -4.59 -6.30
C HIS A 480 -31.51 -6.02 -5.91
N ASP A 481 -30.83 -7.00 -6.49
CA ASP A 481 -29.76 -6.90 -7.43
C ASP A 481 -30.10 -7.43 -8.78
N SER A 482 -31.27 -8.07 -8.88
CA SER A 482 -31.71 -8.69 -10.13
C SER A 482 -32.50 -7.78 -11.13
N HIS A 483 -32.85 -6.58 -10.66
CA HIS A 483 -33.53 -5.59 -11.44
C HIS A 483 -34.57 -6.17 -12.35
N ASN A 484 -35.33 -7.08 -11.85
CA ASN A 484 -36.60 -7.41 -12.48
C ASN A 484 -37.66 -6.28 -12.26
N LEU A 485 -38.79 -6.46 -12.94
CA LEU A 485 -39.82 -5.48 -13.02
C LEU A 485 -40.54 -5.63 -11.70
N THR A 486 -40.45 -4.57 -10.88
CA THR A 486 -40.87 -4.61 -9.50
C THR A 486 -41.94 -3.58 -9.31
N VAL A 487 -43.17 -4.02 -8.99
CA VAL A 487 -44.30 -3.03 -8.77
C VAL A 487 -44.87 -2.98 -7.33
N PHE A 488 -45.04 -1.78 -6.78
CA PHE A 488 -45.74 -1.58 -5.50
C PHE A 488 -47.06 -0.97 -5.86
N GLY A 489 -48.13 -1.44 -5.24
CA GLY A 489 -49.39 -0.62 -5.31
C GLY A 489 -50.49 -1.00 -4.31
N GLY A 490 -51.53 -0.16 -4.23
CA GLY A 490 -52.78 -0.47 -3.56
C GLY A 490 -53.92 -0.55 -4.56
N ASN A 491 -53.69 -0.70 -5.88
CA ASN A 491 -54.74 -1.33 -6.79
C ASN A 491 -54.14 -2.05 -8.04
N ALA A 492 -54.40 -3.37 -8.28
CA ALA A 492 -54.16 -3.96 -9.67
C ALA A 492 -54.19 -2.94 -10.91
N GLY A 493 -55.20 -2.10 -11.08
CA GLY A 493 -55.21 -1.23 -12.23
C GLY A 493 -54.05 -0.24 -12.28
N ASP A 494 -53.86 0.51 -11.19
CA ASP A 494 -52.80 1.50 -11.20
C ASP A 494 -51.44 0.76 -11.28
N MSE A 495 -51.45 -0.53 -11.03
CA MSE A 495 -50.29 -1.28 -11.12
C MSE A 495 -49.95 -1.53 -12.56
O MSE A 495 -48.79 -1.37 -12.91
CB MSE A 495 -50.46 -2.54 -10.31
CG MSE A 495 -50.51 -2.17 -8.88
SE MSE A 495 -49.94 -3.57 -7.51
CE MSE A 495 -47.95 -4.07 -7.64
N ALA A 496 -50.92 -1.88 -13.43
CA ALA A 496 -50.60 -1.95 -14.86
C ALA A 496 -50.26 -0.61 -15.62
N LEU A 497 -51.03 0.44 -15.49
CA LEU A 497 -50.62 1.70 -16.00
C LEU A 497 -49.15 1.89 -15.62
N ALA A 498 -48.77 1.54 -14.40
CA ALA A 498 -47.44 1.86 -14.00
C ALA A 498 -46.48 0.87 -14.68
N ALA A 499 -46.78 -0.43 -14.71
CA ALA A 499 -45.79 -1.37 -15.24
C ALA A 499 -45.62 -1.20 -16.69
N ASN A 500 -46.74 -0.97 -17.36
CA ASN A 500 -46.67 -0.98 -18.76
C ASN A 500 -45.87 0.26 -19.23
N ALA A 501 -46.09 1.39 -18.58
CA ALA A 501 -45.35 2.58 -18.98
C ALA A 501 -43.85 2.14 -18.90
N VAL A 502 -43.47 1.11 -18.15
CA VAL A 502 -42.00 0.96 -18.04
C VAL A 502 -41.50 -0.08 -19.01
N ILE A 503 -42.19 -1.20 -19.10
CA ILE A 503 -41.96 -2.16 -20.13
C ILE A 503 -41.74 -1.42 -21.52
N GLY A 504 -42.75 -0.68 -21.94
CA GLY A 504 -42.73 -0.17 -23.29
C GLY A 504 -41.76 0.98 -23.51
N THR A 505 -41.29 1.66 -22.49
CA THR A 505 -40.11 2.47 -22.86
C THR A 505 -38.78 1.74 -22.76
N GLY A 506 -38.70 0.44 -22.47
CA GLY A 506 -37.44 -0.36 -22.32
C GLY A 506 -36.85 -0.45 -20.93
N GLY A 507 -37.65 -0.17 -19.90
CA GLY A 507 -37.24 -0.19 -18.55
C GLY A 507 -37.33 1.19 -18.00
N GLY A 508 -37.37 1.33 -16.69
CA GLY A 508 -37.33 2.62 -16.11
C GLY A 508 -38.24 2.59 -14.91
N MSE A 509 -38.76 3.77 -14.57
CA MSE A 509 -39.72 3.91 -13.50
C MSE A 509 -40.98 4.77 -13.83
O MSE A 509 -40.89 5.78 -14.53
CB MSE A 509 -39.04 4.47 -12.31
CG MSE A 509 -37.64 3.99 -12.24
SE MSE A 509 -36.58 4.72 -10.71
CE MSE A 509 -34.73 3.75 -10.87
N ALA A 510 -42.15 4.34 -13.34
CA ALA A 510 -43.33 5.17 -13.36
C ALA A 510 -44.21 5.13 -12.12
N VAL A 511 -44.92 6.21 -11.93
CA VAL A 511 -45.90 6.22 -10.88
C VAL A 511 -47.18 6.34 -11.59
N ALA A 512 -48.13 5.50 -11.24
CA ALA A 512 -49.51 5.81 -11.59
C ALA A 512 -50.52 6.10 -10.40
N SER A 513 -51.33 7.17 -10.53
CA SER A 513 -52.42 7.32 -9.54
C SER A 513 -53.73 7.63 -10.17
N GLU A 514 -54.75 6.79 -9.80
CA GLU A 514 -56.19 6.97 -10.11
C GLU A 514 -56.45 6.97 -11.64
N GLY A 515 -55.78 6.03 -12.32
CA GLY A 515 -55.96 5.78 -13.76
C GLY A 515 -55.17 6.70 -14.65
N LYS A 516 -54.33 7.54 -14.06
CA LYS A 516 -53.38 8.42 -14.78
C LYS A 516 -51.90 8.01 -14.35
N VAL A 517 -50.94 7.98 -15.30
CA VAL A 517 -49.54 7.78 -14.95
C VAL A 517 -49.09 9.18 -14.72
N THR A 518 -48.49 9.47 -13.60
CA THR A 518 -48.26 10.83 -13.28
C THR A 518 -46.86 11.31 -13.44
N ALA A 519 -46.07 10.49 -14.12
CA ALA A 519 -44.61 10.42 -14.01
C ALA A 519 -43.85 9.17 -14.56
N ILE A 520 -42.80 9.45 -15.35
CA ILE A 520 -41.94 8.43 -16.06
C ILE A 520 -40.54 9.06 -16.19
N LEU A 521 -39.63 8.19 -15.79
CA LEU A 521 -38.22 8.33 -15.97
C LEU A 521 -37.84 7.00 -16.69
N PRO A 522 -37.83 6.99 -18.06
CA PRO A 522 -37.46 5.79 -18.86
C PRO A 522 -35.97 5.55 -18.70
N LEU A 523 -35.65 4.24 -18.69
CA LEU A 523 -34.25 3.90 -18.54
C LEU A 523 -33.88 2.85 -19.56
N PRO A 524 -33.92 3.18 -20.84
CA PRO A 524 -33.89 2.22 -21.99
C PRO A 524 -32.56 1.33 -22.04
N LEU A 525 -31.49 1.90 -21.57
CA LEU A 525 -30.36 1.07 -21.39
C LEU A 525 -30.45 0.18 -20.08
N SER A 526 -30.49 -1.17 -20.24
CA SER A 526 -30.58 -2.12 -19.12
C SER A 526 -31.83 -2.02 -18.28
N GLY A 527 -32.72 -1.05 -18.52
CA GLY A 527 -33.72 -0.80 -17.50
C GLY A 527 -33.04 -0.21 -16.28
N LEU A 528 -31.81 0.27 -16.40
CA LEU A 528 -31.24 0.93 -15.24
C LEU A 528 -30.69 2.32 -15.48
N VAL A 529 -29.97 2.49 -16.57
CA VAL A 529 -29.53 3.85 -17.02
C VAL A 529 -30.27 4.35 -18.27
N SER A 530 -30.00 5.60 -18.59
CA SER A 530 -30.52 6.31 -19.71
C SER A 530 -29.48 7.21 -20.30
N ASP A 531 -29.70 7.40 -21.61
CA ASP A 531 -28.95 8.16 -22.49
C ASP A 531 -29.13 9.63 -22.48
N ALA A 532 -30.05 10.18 -21.73
CA ALA A 532 -30.30 11.59 -21.87
C ALA A 532 -29.34 12.36 -21.02
N PRO A 533 -29.22 13.69 -21.21
CA PRO A 533 -28.14 14.32 -20.38
C PRO A 533 -28.57 14.21 -18.91
N LEU A 534 -27.74 14.69 -18.03
CA LEU A 534 -27.93 14.30 -16.66
C LEU A 534 -28.89 15.27 -16.08
N GLU A 535 -28.82 16.53 -16.61
CA GLU A 535 -29.73 17.65 -16.36
C GLU A 535 -31.10 17.10 -16.57
N GLU A 536 -31.33 16.48 -17.74
CA GLU A 536 -32.60 15.83 -17.89
C GLU A 536 -32.91 14.72 -16.88
N VAL A 537 -31.93 13.85 -16.60
CA VAL A 537 -32.22 12.72 -15.72
C VAL A 537 -32.57 13.11 -14.24
N ALA A 538 -31.80 14.02 -13.67
CA ALA A 538 -32.09 14.59 -12.37
C ALA A 538 -33.50 15.21 -12.41
N ARG A 539 -33.78 16.15 -13.33
CA ARG A 539 -35.19 16.69 -13.47
C ARG A 539 -36.23 15.52 -13.33
N ALA A 540 -36.02 14.47 -14.09
CA ALA A 540 -37.12 13.52 -14.25
C ALA A 540 -37.24 12.68 -12.96
N PHE A 541 -36.11 12.28 -12.35
CA PHE A 541 -36.06 11.69 -11.07
C PHE A 541 -36.58 12.58 -9.91
N GLU A 542 -36.28 13.89 -9.93
CA GLU A 542 -36.90 14.83 -8.96
C GLU A 542 -38.38 14.83 -9.09
N ASP A 543 -38.83 14.88 -10.33
CA ASP A 543 -40.24 14.81 -10.60
C ASP A 543 -41.03 13.52 -10.16
N LEU A 544 -40.35 12.39 -10.33
CA LEU A 544 -40.97 11.10 -10.15
C LEU A 544 -41.04 10.92 -8.67
N ARG A 545 -40.10 11.51 -7.92
CA ARG A 545 -40.18 11.51 -6.43
C ARG A 545 -41.42 12.24 -5.92
N GLU A 546 -41.73 13.38 -6.59
CA GLU A 546 -42.94 14.11 -6.36
C GLU A 546 -44.16 13.21 -6.58
N ALA A 547 -44.47 12.86 -7.83
CA ALA A 547 -45.51 11.82 -8.06
C ALA A 547 -45.60 10.80 -6.88
N VAL A 548 -44.56 10.00 -6.64
CA VAL A 548 -44.72 8.96 -5.64
C VAL A 548 -45.02 9.53 -4.20
N GLY A 549 -44.49 10.71 -3.90
CA GLY A 549 -44.84 11.45 -2.66
C GLY A 549 -46.36 11.65 -2.56
N LYS A 550 -47.04 11.71 -3.70
CA LYS A 550 -48.48 11.97 -3.68
C LYS A 550 -49.21 10.65 -3.72
N VAL A 551 -48.51 9.50 -3.67
CA VAL A 551 -49.24 8.22 -3.72
C VAL A 551 -49.45 7.57 -2.36
N VAL A 552 -48.60 8.04 -1.43
CA VAL A 552 -48.28 7.38 -0.18
C VAL A 552 -47.60 8.34 0.73
N GLU A 553 -47.98 8.35 1.98
CA GLU A 553 -47.28 9.17 2.91
C GLU A 553 -46.13 8.37 3.52
N TRP A 554 -44.91 8.77 3.16
CA TRP A 554 -43.73 8.31 3.83
C TRP A 554 -43.77 8.57 5.35
N GLN A 555 -43.22 7.62 6.08
CA GLN A 555 -42.85 7.86 7.42
C GLN A 555 -41.38 7.57 7.62
N PRO A 556 -40.48 8.49 7.40
CA PRO A 556 -39.10 8.19 7.82
C PRO A 556 -38.90 7.38 9.12
N PRO A 557 -37.69 6.83 9.32
CA PRO A 557 -36.79 6.52 8.20
C PRO A 557 -37.30 5.11 7.92
N TYR A 558 -36.62 4.30 7.14
CA TYR A 558 -37.27 2.96 6.88
C TYR A 558 -38.43 2.94 5.87
N LEU A 559 -39.45 3.79 6.04
CA LEU A 559 -40.53 3.88 5.05
C LEU A 559 -40.37 5.17 4.31
N VAL A 560 -39.19 5.35 3.74
CA VAL A 560 -38.96 6.28 2.63
C VAL A 560 -38.89 5.58 1.18
N PHE A 561 -38.72 6.42 0.16
CA PHE A 561 -38.75 6.03 -1.29
C PHE A 561 -37.58 5.23 -1.78
N LYS A 562 -36.41 5.34 -1.16
CA LYS A 562 -35.23 4.56 -1.49
C LYS A 562 -35.56 3.13 -1.19
N ALA A 563 -36.37 2.84 -0.17
CA ALA A 563 -36.74 1.45 -0.01
C ALA A 563 -37.50 0.84 -1.22
N CYS A 564 -38.13 1.56 -2.16
CA CYS A 564 -38.75 0.84 -3.25
C CYS A 564 -37.81 0.08 -4.15
N PHE A 565 -36.53 0.55 -4.22
CA PHE A 565 -35.47 -0.06 -5.00
C PHE A 565 -34.86 -1.22 -4.25
N GLY A 566 -35.39 -1.57 -3.08
CA GLY A 566 -34.59 -2.49 -2.27
C GLY A 566 -35.19 -3.77 -1.74
N ALA A 567 -36.39 -4.04 -2.16
CA ALA A 567 -37.19 -5.01 -1.44
C ALA A 567 -37.08 -6.44 -2.06
N THR A 568 -36.21 -6.60 -3.07
CA THR A 568 -36.23 -7.86 -3.73
C THR A 568 -34.83 -8.27 -3.83
N LEU A 569 -34.10 -7.88 -2.78
CA LEU A 569 -32.69 -8.00 -2.57
C LEU A 569 -32.53 -9.24 -1.67
N ALA A 570 -32.78 -10.38 -2.30
CA ALA A 570 -32.84 -11.68 -1.66
C ALA A 570 -31.77 -12.08 -0.68
N CYS A 571 -30.53 -11.64 -0.79
CA CYS A 571 -29.55 -11.98 0.25
C CYS A 571 -29.77 -11.41 1.70
N ASN A 572 -30.85 -10.65 1.84
CA ASN A 572 -31.14 -10.01 3.09
C ASN A 572 -31.92 -11.03 3.88
N ILE A 573 -31.39 -11.26 5.08
CA ILE A 573 -32.04 -11.83 6.20
C ILE A 573 -33.52 -11.34 6.15
N GLY A 574 -34.51 -12.20 6.24
CA GLY A 574 -35.89 -11.71 6.25
C GLY A 574 -36.61 -12.29 5.06
N PRO A 575 -37.93 -12.42 5.13
CA PRO A 575 -38.55 -12.67 3.82
C PRO A 575 -38.38 -11.51 2.80
N HIS A 576 -38.35 -11.77 1.48
CA HIS A 576 -38.43 -10.73 0.44
C HIS A 576 -39.14 -11.32 -0.75
N GLN A 577 -39.92 -10.52 -1.45
CA GLN A 577 -40.59 -11.02 -2.63
C GLN A 577 -39.61 -10.96 -3.75
N THR A 578 -39.46 -12.03 -4.51
CA THR A 578 -38.55 -12.03 -5.69
C THR A 578 -39.33 -12.61 -6.87
N ASP A 579 -38.74 -12.58 -8.05
CA ASP A 579 -39.41 -13.01 -9.23
C ASP A 579 -39.72 -14.50 -9.14
N MSE A 580 -39.50 -15.07 -7.97
CA MSE A 580 -39.67 -16.49 -7.91
C MSE A 580 -40.68 -16.95 -6.91
O MSE A 580 -41.32 -17.99 -7.19
CB MSE A 580 -38.38 -17.12 -7.63
CG MSE A 580 -37.65 -17.24 -8.83
SE MSE A 580 -36.24 -18.53 -8.41
CE MSE A 580 -37.30 -20.52 -8.78
N GLY A 581 -40.78 -16.20 -5.78
CA GLY A 581 -41.73 -16.41 -4.67
C GLY A 581 -41.42 -15.53 -3.45
N ILE A 582 -41.54 -16.06 -2.25
CA ILE A 582 -40.97 -15.33 -1.16
C ILE A 582 -39.75 -16.06 -0.76
N ALA A 583 -38.64 -15.36 -0.87
CA ALA A 583 -37.37 -15.97 -0.61
C ALA A 583 -37.10 -15.61 0.80
N ASP A 584 -36.64 -16.58 1.60
CA ASP A 584 -36.02 -16.31 2.92
C ASP A 584 -34.72 -17.01 2.71
N VAL A 585 -33.66 -16.28 2.84
CA VAL A 585 -32.39 -16.92 2.67
C VAL A 585 -31.99 -17.80 3.94
N LEU A 586 -32.79 -17.78 5.02
CA LEU A 586 -32.43 -18.59 6.21
C LEU A 586 -32.90 -20.01 6.05
N THR A 587 -34.22 -20.23 5.82
CA THR A 587 -34.82 -21.50 5.30
C THR A 587 -34.25 -22.00 3.94
N GLY A 588 -33.84 -21.12 2.99
CA GLY A 588 -33.43 -21.51 1.60
C GLY A 588 -34.54 -21.98 0.65
N LYS A 589 -35.78 -21.70 1.00
CA LYS A 589 -36.85 -22.21 0.22
C LYS A 589 -37.51 -20.97 -0.36
N VAL A 590 -38.39 -21.20 -1.31
CA VAL A 590 -39.13 -20.10 -1.90
C VAL A 590 -40.62 -20.41 -1.82
N MSE A 591 -41.31 -19.75 -0.90
CA MSE A 591 -42.76 -19.63 -0.96
C MSE A 591 -43.35 -19.24 -2.33
O MSE A 591 -43.59 -18.06 -2.68
CB MSE A 591 -43.25 -18.74 0.11
CG MSE A 591 -43.53 -19.51 1.41
SE MSE A 591 -45.35 -18.89 2.12
CE MSE A 591 -46.72 -19.95 0.71
N GLU A 592 -43.54 -20.31 -3.09
CA GLU A 592 -44.23 -20.32 -4.32
C GLU A 592 -45.62 -19.51 -4.36
N SER A 593 -46.35 -19.48 -3.25
CA SER A 593 -47.68 -18.80 -3.21
C SER A 593 -47.87 -18.13 -1.84
N PRO A 594 -48.43 -16.92 -1.81
CA PRO A 594 -48.61 -16.26 -0.54
C PRO A 594 -49.65 -16.94 0.48
N VAL A 595 -50.72 -17.55 -0.04
CA VAL A 595 -51.65 -18.41 0.74
C VAL A 595 -51.00 -19.55 1.49
N ILE A 596 -51.04 -19.44 2.81
CA ILE A 596 -50.72 -20.54 3.60
C ILE A 596 -51.84 -21.54 3.41
N GLU A 597 -53.14 -21.18 3.55
CA GLU A 597 -54.26 -22.22 3.50
C GLU A 597 -55.71 -21.90 3.04
N VAL A 598 -56.42 -22.93 2.54
CA VAL A 598 -57.91 -22.96 2.40
C VAL A 598 -58.58 -21.83 1.58
N ALA B 11 6.90 -19.78 -1.40
CA ALA B 11 5.72 -19.53 -2.29
C ALA B 11 4.80 -18.48 -1.56
N GLU B 12 5.22 -17.21 -1.48
CA GLU B 12 4.59 -16.18 -0.57
C GLU B 12 4.14 -14.94 -1.33
N PRO B 13 2.91 -14.45 -0.99
CA PRO B 13 2.01 -15.11 -0.02
C PRO B 13 1.05 -16.21 -0.60
N ALA B 14 1.27 -16.72 -1.79
CA ALA B 14 0.43 -17.89 -2.10
C ALA B 14 0.31 -18.95 -0.95
N ASP B 15 1.35 -19.10 -0.13
CA ASP B 15 1.31 -20.04 0.97
C ASP B 15 0.19 -19.86 1.87
N LEU B 16 -0.30 -18.61 1.92
CA LEU B 16 -1.47 -18.25 2.78
C LEU B 16 -2.82 -18.55 2.15
N ASN B 17 -2.79 -18.78 0.82
CA ASN B 17 -4.00 -18.75 -0.01
C ASN B 17 -4.68 -20.11 -0.20
N ASP B 18 -4.19 -21.15 0.49
CA ASP B 18 -4.55 -22.50 0.17
C ASP B 18 -5.95 -22.86 0.67
N ASP B 19 -6.85 -23.24 -0.23
CA ASP B 19 -8.21 -23.67 0.21
C ASP B 19 -8.31 -24.54 1.52
N THR B 20 -7.45 -25.55 1.60
CA THR B 20 -7.51 -26.39 2.79
C THR B 20 -7.22 -25.56 4.08
N LEU B 21 -6.12 -24.80 4.05
CA LEU B 21 -5.89 -23.77 5.15
C LEU B 21 -6.94 -22.58 5.36
N ARG B 22 -7.51 -22.05 4.28
CA ARG B 22 -8.39 -20.95 4.42
C ARG B 22 -9.59 -21.46 5.14
N ALA B 23 -10.13 -22.58 4.64
CA ALA B 23 -11.40 -23.12 5.18
C ALA B 23 -11.21 -23.40 6.64
N ARG B 24 -10.06 -24.03 6.92
CA ARG B 24 -9.84 -24.22 8.38
C ARG B 24 -9.79 -22.89 9.14
N ALA B 25 -9.12 -21.82 8.57
CA ALA B 25 -9.01 -20.60 9.38
C ALA B 25 -10.40 -20.03 9.56
N VAL B 26 -11.20 -19.92 8.52
CA VAL B 26 -12.55 -19.47 8.71
C VAL B 26 -13.33 -20.26 9.84
N ALA B 27 -13.35 -21.60 9.70
CA ALA B 27 -13.85 -22.50 10.77
C ALA B 27 -13.50 -22.09 12.21
N ALA B 28 -12.18 -22.09 12.45
CA ALA B 28 -11.73 -21.50 13.72
C ALA B 28 -12.47 -20.23 14.02
N ALA B 29 -12.30 -19.23 13.15
CA ALA B 29 -12.85 -17.87 13.53
C ALA B 29 -14.36 -17.97 13.85
N ARG B 30 -15.06 -18.68 12.97
CA ARG B 30 -16.50 -18.97 13.17
C ARG B 30 -16.82 -19.62 14.58
N GLY B 31 -15.84 -20.42 15.06
CA GLY B 31 -15.92 -21.15 16.31
C GLY B 31 -16.39 -22.64 16.26
N ASP B 32 -16.40 -23.26 15.07
CA ASP B 32 -16.43 -24.66 14.79
C ASP B 32 -15.12 -25.49 14.86
N GLN B 33 -13.94 -24.86 14.91
CA GLN B 33 -12.78 -25.68 15.09
C GLN B 33 -11.85 -24.93 16.00
N ARG B 34 -10.96 -25.67 16.70
CA ARG B 34 -10.12 -25.08 17.76
C ARG B 34 -9.05 -24.35 16.92
N PHE B 35 -8.34 -23.34 17.45
CA PHE B 35 -7.18 -22.71 16.75
C PHE B 35 -5.99 -23.66 16.80
N ASP B 36 -4.97 -23.44 15.96
CA ASP B 36 -3.71 -24.13 16.17
C ASP B 36 -2.91 -23.43 17.27
N VAL B 37 -3.23 -22.17 17.69
CA VAL B 37 -2.45 -21.45 18.81
C VAL B 37 -3.33 -20.41 19.24
N LEU B 38 -3.48 -20.17 20.53
CA LEU B 38 -4.05 -18.88 21.16
C LEU B 38 -2.97 -17.97 21.84
N ILE B 39 -3.00 -16.66 21.68
CA ILE B 39 -2.16 -15.78 22.50
C ILE B 39 -3.19 -15.06 23.39
N THR B 40 -3.08 -15.04 24.76
CA THR B 40 -4.23 -14.51 25.53
C THR B 40 -3.67 -13.72 26.62
N GLY B 41 -4.44 -12.80 27.15
CA GLY B 41 -4.01 -11.88 28.32
C GLY B 41 -3.20 -10.63 27.92
N GLY B 42 -2.80 -10.55 26.62
CA GLY B 42 -1.99 -9.41 26.15
C GLY B 42 -2.81 -8.20 25.91
N THR B 43 -2.12 -7.08 25.81
CA THR B 43 -2.65 -5.82 25.30
C THR B 43 -2.10 -5.72 23.93
N LEU B 44 -2.98 -5.74 22.93
CA LEU B 44 -2.66 -5.60 21.50
C LEU B 44 -2.30 -4.16 21.22
N VAL B 45 -1.18 -3.95 20.48
CA VAL B 45 -0.89 -2.56 20.03
C VAL B 45 -1.47 -2.44 18.71
N ASP B 46 -2.54 -1.66 18.59
CA ASP B 46 -3.34 -1.70 17.36
C ASP B 46 -2.61 -0.66 16.49
N VAL B 47 -1.90 -1.08 15.43
CA VAL B 47 -1.06 -0.10 14.76
C VAL B 47 -1.90 0.68 13.75
N VAL B 48 -3.14 0.26 13.48
CA VAL B 48 -4.03 1.11 12.69
C VAL B 48 -4.53 2.28 13.54
N THR B 49 -5.18 1.99 14.62
CA THR B 49 -5.76 3.06 15.43
C THR B 49 -4.84 3.70 16.40
N GLY B 50 -3.72 3.11 16.74
CA GLY B 50 -2.83 3.77 17.59
C GLY B 50 -3.22 3.52 19.06
N GLU B 51 -4.20 2.63 19.27
CA GLU B 51 -4.72 2.34 20.60
C GLU B 51 -3.99 1.18 21.14
N LEU B 52 -3.93 1.12 22.46
CA LEU B 52 -3.44 -0.04 23.22
C LEU B 52 -4.57 -0.86 23.74
N ARG B 53 -4.73 -2.08 23.28
CA ARG B 53 -6.06 -2.61 23.53
C ARG B 53 -6.20 -4.09 23.82
N PRO B 54 -6.96 -4.42 24.86
CA PRO B 54 -6.84 -5.91 25.23
C PRO B 54 -7.46 -6.76 24.14
N ALA B 55 -6.82 -7.85 23.74
CA ALA B 55 -7.49 -8.74 22.82
C ALA B 55 -6.81 -10.05 22.83
N ASP B 56 -7.48 -11.13 22.46
CA ASP B 56 -6.69 -12.38 22.42
C ASP B 56 -6.76 -12.81 20.96
N ILE B 57 -5.72 -13.48 20.53
CA ILE B 57 -5.52 -13.67 19.17
C ILE B 57 -5.52 -15.18 18.82
N GLY B 58 -6.28 -15.67 17.85
CA GLY B 58 -6.10 -17.06 17.39
C GLY B 58 -5.47 -17.30 16.02
N ILE B 59 -4.62 -18.31 16.00
CA ILE B 59 -3.81 -18.59 14.80
C ILE B 59 -4.14 -20.02 14.27
N VAL B 60 -4.35 -20.17 12.98
CA VAL B 60 -4.30 -21.43 12.42
C VAL B 60 -3.15 -21.41 11.43
N GLY B 61 -2.16 -22.29 11.54
CA GLY B 61 -1.29 -22.42 10.39
C GLY B 61 -0.52 -21.14 10.37
N ALA B 62 -0.49 -20.47 9.25
CA ALA B 62 0.41 -19.32 9.14
C ALA B 62 -0.48 -18.08 9.31
N LEU B 63 -1.78 -18.32 9.54
CA LEU B 63 -2.76 -17.28 9.44
C LEU B 63 -3.30 -16.78 10.78
N ILE B 64 -3.35 -15.49 11.01
CA ILE B 64 -3.97 -15.02 12.15
C ILE B 64 -5.42 -15.19 11.80
N ALA B 65 -6.14 -16.04 12.56
CA ALA B 65 -7.54 -16.22 12.15
C ALA B 65 -8.51 -15.41 12.87
N SER B 66 -8.18 -14.86 14.03
CA SER B 66 -9.26 -14.33 14.88
C SER B 66 -8.67 -13.33 15.84
N VAL B 67 -9.20 -12.12 15.90
CA VAL B 67 -8.68 -11.21 16.89
C VAL B 67 -9.87 -10.84 17.76
N HIS B 68 -9.95 -11.34 18.98
CA HIS B 68 -11.20 -11.21 19.65
C HIS B 68 -11.09 -10.96 21.09
N GLU B 69 -12.29 -10.84 21.62
CA GLU B 69 -12.45 -10.28 22.94
C GLU B 69 -11.79 -11.24 23.85
N PRO B 70 -11.06 -10.68 24.78
CA PRO B 70 -10.17 -11.39 25.68
C PRO B 70 -10.96 -12.44 26.39
N ALA B 71 -10.43 -13.66 26.30
CA ALA B 71 -10.84 -14.72 27.17
C ALA B 71 -12.09 -15.38 26.58
N SER B 72 -12.52 -15.04 25.37
CA SER B 72 -13.82 -15.56 24.94
C SER B 72 -13.62 -16.91 24.26
N ARG B 73 -12.38 -17.30 24.12
CA ARG B 73 -12.10 -18.51 23.38
C ARG B 73 -10.97 -19.17 24.12
N ARG B 74 -11.15 -20.46 24.43
CA ARG B 74 -10.14 -21.23 25.17
C ARG B 74 -9.73 -22.31 24.29
N ASP B 75 -10.46 -22.59 23.17
CA ASP B 75 -10.11 -23.60 22.05
C ASP B 75 -8.70 -23.74 22.01
N ALA B 76 -8.02 -23.80 20.89
CA ALA B 76 -6.54 -23.91 21.11
C ALA B 76 -5.80 -25.17 20.92
N ALA B 77 -4.97 -25.66 21.82
CA ALA B 77 -3.93 -26.65 21.32
C ALA B 77 -2.55 -26.46 21.87
N GLN B 78 -2.00 -25.30 21.53
CA GLN B 78 -0.95 -24.66 22.27
C GLN B 78 -1.48 -23.21 22.60
N VAL B 79 -1.36 -22.74 23.86
CA VAL B 79 -1.94 -21.47 24.33
C VAL B 79 -0.74 -20.61 24.80
N ILE B 80 -0.17 -19.73 23.96
CA ILE B 80 0.94 -18.84 24.33
C ILE B 80 0.47 -17.73 25.25
N ASP B 81 1.17 -17.59 26.38
CA ASP B 81 0.82 -16.57 27.32
C ASP B 81 1.46 -15.13 27.21
N ALA B 82 0.51 -14.18 27.19
CA ALA B 82 0.82 -12.74 27.02
C ALA B 82 0.42 -11.73 28.13
N GLY B 83 -0.08 -12.27 29.22
CA GLY B 83 -0.42 -11.42 30.39
C GLY B 83 0.66 -10.48 30.85
N GLY B 84 0.20 -9.33 31.32
CA GLY B 84 1.08 -8.24 31.77
C GLY B 84 2.00 -7.86 30.63
N ALA B 85 1.55 -7.89 29.38
CA ALA B 85 2.45 -7.88 28.25
C ALA B 85 1.75 -7.32 27.05
N TYR B 86 2.53 -6.75 26.13
CA TYR B 86 1.97 -6.31 24.89
C TYR B 86 2.18 -7.22 23.70
N VAL B 87 1.22 -7.24 22.77
CA VAL B 87 1.34 -8.03 21.52
C VAL B 87 1.44 -7.23 20.29
N SER B 88 2.39 -7.61 19.43
CA SER B 88 2.68 -6.71 18.30
C SER B 88 3.03 -7.43 16.96
N PRO B 89 2.75 -6.80 15.80
CA PRO B 89 3.24 -7.65 14.63
C PRO B 89 4.84 -7.71 14.66
N GLY B 90 5.46 -8.78 14.10
CA GLY B 90 6.95 -8.88 13.95
C GLY B 90 7.46 -7.55 13.47
N LEU B 91 8.60 -7.09 13.98
CA LEU B 91 9.29 -5.96 13.41
C LEU B 91 9.96 -6.29 11.98
N ILE B 92 10.38 -5.21 11.23
CA ILE B 92 10.63 -5.25 9.78
C ILE B 92 11.56 -4.17 9.50
N ASP B 93 12.60 -4.36 8.65
CA ASP B 93 13.87 -3.50 8.64
C ASP B 93 13.93 -3.20 7.18
N THR B 94 13.63 -1.98 6.81
CA THR B 94 13.40 -1.82 5.43
C THR B 94 14.70 -1.50 4.72
N HIS B 95 15.88 -1.55 5.36
CA HIS B 95 17.11 -1.38 4.59
C HIS B 95 18.22 -1.84 5.42
N MSE B 96 18.92 -2.91 5.03
CA MSE B 96 20.10 -3.27 5.82
C MSE B 96 21.20 -4.13 5.21
O MSE B 96 21.08 -4.52 4.04
CB MSE B 96 19.82 -3.64 7.30
CG MSE B 96 18.88 -4.73 7.50
SE MSE B 96 19.48 -6.41 6.64
CE MSE B 96 20.49 -7.15 8.19
N HIS B 97 22.24 -4.40 6.01
CA HIS B 97 23.42 -5.06 5.49
C HIS B 97 23.97 -6.13 6.48
N ILE B 98 23.54 -7.42 6.39
CA ILE B 98 24.00 -8.40 7.36
C ILE B 98 25.46 -8.27 7.54
N GLU B 99 26.15 -7.96 6.48
CA GLU B 99 27.59 -7.93 6.38
C GLU B 99 28.33 -6.93 7.27
N SER B 100 27.72 -5.77 7.56
CA SER B 100 28.43 -4.85 8.46
C SER B 100 28.58 -5.34 9.94
N SER B 101 27.61 -6.13 10.38
CA SER B 101 27.69 -7.05 11.53
C SER B 101 28.76 -8.19 11.62
N MSE B 102 29.36 -8.55 10.51
CA MSE B 102 30.45 -9.49 10.41
C MSE B 102 30.11 -10.97 10.76
O MSE B 102 31.00 -11.80 11.04
CB MSE B 102 31.62 -8.94 11.11
CG MSE B 102 31.74 -7.53 10.79
SE MSE B 102 33.08 -6.57 12.04
CE MSE B 102 32.96 -4.70 11.50
N ILE B 103 28.83 -11.26 10.63
CA ILE B 103 28.39 -12.58 10.79
C ILE B 103 27.59 -13.14 9.56
N THR B 104 27.17 -14.40 9.69
CA THR B 104 26.69 -15.27 8.68
C THR B 104 25.25 -14.90 8.78
N PRO B 105 24.52 -14.90 7.71
CA PRO B 105 23.09 -14.74 7.84
C PRO B 105 22.33 -15.53 8.92
N ALA B 106 22.72 -16.78 9.21
CA ALA B 106 22.13 -17.57 10.29
C ALA B 106 22.49 -17.10 11.70
N ALA B 107 23.69 -16.51 11.87
CA ALA B 107 24.04 -15.93 13.18
C ALA B 107 23.09 -14.75 13.30
N TYR B 108 22.82 -14.00 12.20
CA TYR B 108 22.14 -12.67 12.38
C TYR B 108 20.73 -12.94 12.66
N ALA B 109 20.18 -13.90 11.90
CA ALA B 109 18.85 -14.29 12.16
C ALA B 109 18.79 -14.81 13.55
N ALA B 110 19.84 -15.44 14.12
CA ALA B 110 19.68 -15.78 15.54
C ALA B 110 19.49 -14.55 16.41
N ALA B 111 20.29 -13.52 16.13
CA ALA B 111 20.29 -12.34 16.93
C ALA B 111 18.99 -11.45 16.85
N VAL B 112 18.35 -11.28 15.68
CA VAL B 112 17.18 -10.42 15.59
C VAL B 112 15.93 -11.24 15.68
N VAL B 113 15.90 -12.47 15.21
CA VAL B 113 14.65 -13.24 15.43
C VAL B 113 14.28 -13.33 16.91
N ALA B 114 15.23 -13.16 17.83
CA ALA B 114 14.97 -13.56 19.22
C ALA B 114 14.53 -12.29 19.91
N ARG B 115 14.83 -11.15 19.25
CA ARG B 115 14.19 -9.83 19.47
C ARG B 115 12.88 -9.43 18.68
N GLY B 116 12.30 -10.29 17.85
CA GLY B 116 10.97 -9.96 17.28
C GLY B 116 11.00 -9.28 15.88
N VAL B 117 12.13 -9.46 15.17
CA VAL B 117 12.36 -8.95 13.86
C VAL B 117 12.07 -10.10 13.01
N THR B 118 10.96 -10.06 12.24
CA THR B 118 10.53 -11.26 11.49
C THR B 118 10.75 -10.99 10.03
N THR B 119 11.17 -9.80 9.68
CA THR B 119 11.52 -9.52 8.27
C THR B 119 12.57 -8.36 8.18
N ILE B 120 13.68 -8.66 7.56
CA ILE B 120 14.61 -7.66 7.12
C ILE B 120 14.63 -7.63 5.57
N VAL B 121 15.14 -6.55 5.06
CA VAL B 121 15.19 -6.31 3.69
C VAL B 121 16.66 -5.91 3.52
N TRP B 122 17.38 -6.86 2.90
CA TRP B 122 18.85 -6.83 2.83
C TRP B 122 19.38 -6.44 1.44
N ASP B 123 19.97 -5.25 1.32
CA ASP B 123 20.89 -4.97 0.22
C ASP B 123 22.33 -5.66 0.46
N PRO B 124 22.67 -6.76 -0.22
CA PRO B 124 23.87 -7.46 0.02
C PRO B 124 24.91 -6.96 -0.90
N HIS B 125 24.94 -5.67 -1.15
CA HIS B 125 25.90 -5.28 -2.13
C HIS B 125 27.29 -5.58 -1.67
N GLU B 126 27.51 -5.87 -0.41
CA GLU B 126 28.87 -5.93 0.09
C GLU B 126 29.43 -7.25 -0.47
N PHE B 127 28.89 -8.40 -0.13
CA PHE B 127 29.24 -9.57 -0.87
C PHE B 127 29.20 -9.33 -2.35
N GLY B 128 28.41 -8.31 -2.76
CA GLY B 128 28.08 -8.05 -4.13
C GLY B 128 29.28 -7.57 -4.81
N ASN B 129 30.00 -6.64 -4.18
CA ASN B 129 31.19 -6.12 -4.79
C ASN B 129 32.31 -7.18 -4.56
N VAL B 130 32.21 -8.00 -3.56
CA VAL B 130 33.41 -8.92 -3.45
C VAL B 130 33.32 -10.13 -4.41
N HIS B 131 32.19 -10.71 -4.66
CA HIS B 131 32.08 -11.80 -5.58
C HIS B 131 31.05 -11.73 -6.79
N GLY B 132 30.58 -10.54 -7.19
CA GLY B 132 29.35 -10.39 -7.98
C GLY B 132 28.26 -11.45 -7.89
N VAL B 133 27.72 -11.80 -9.04
CA VAL B 133 26.47 -12.51 -9.05
C VAL B 133 26.57 -13.61 -8.05
N ASP B 134 27.80 -14.16 -7.94
CA ASP B 134 27.99 -15.27 -7.01
C ASP B 134 27.62 -14.89 -5.58
N GLY B 135 28.01 -13.65 -5.13
CA GLY B 135 27.78 -13.19 -3.74
C GLY B 135 26.31 -12.90 -3.47
N VAL B 136 25.67 -12.24 -4.44
CA VAL B 136 24.19 -12.22 -4.38
C VAL B 136 23.71 -13.71 -4.41
N ARG B 137 24.19 -14.51 -5.33
CA ARG B 137 23.69 -15.89 -5.38
C ARG B 137 23.69 -16.60 -4.00
N TRP B 138 24.83 -16.59 -3.34
CA TRP B 138 24.97 -16.97 -1.88
C TRP B 138 23.92 -16.44 -0.77
N ALA B 139 23.88 -15.08 -0.64
CA ALA B 139 22.79 -14.36 -0.02
C ALA B 139 21.51 -15.13 -0.12
N ALA B 140 20.99 -15.31 -1.32
CA ALA B 140 19.82 -16.15 -1.54
C ALA B 140 19.95 -17.67 -1.10
N LYS B 141 20.96 -18.41 -1.52
CA LYS B 141 21.04 -19.77 -0.92
C LYS B 141 20.98 -19.69 0.63
N ALA B 142 21.59 -18.69 1.22
CA ALA B 142 21.51 -18.72 2.67
C ALA B 142 20.21 -18.26 3.33
N ILE B 143 19.50 -17.22 2.88
CA ILE B 143 18.28 -16.84 3.60
C ILE B 143 17.25 -17.92 3.38
N GLU B 144 17.38 -18.72 2.33
CA GLU B 144 16.38 -19.74 2.07
C GLU B 144 15.62 -20.40 3.24
N ASN B 145 16.29 -20.87 4.30
CA ASN B 145 15.44 -21.59 5.24
C ASN B 145 15.33 -21.04 6.59
N LEU B 146 15.73 -19.79 6.70
CA LEU B 146 15.88 -19.17 7.97
C LEU B 146 14.53 -18.97 8.46
N PRO B 147 14.41 -18.82 9.77
CA PRO B 147 13.18 -18.26 10.38
C PRO B 147 13.00 -16.79 10.09
N LEU B 148 13.94 -16.16 9.43
CA LEU B 148 13.80 -14.74 9.33
C LEU B 148 13.32 -14.68 7.82
N ARG B 149 12.36 -13.85 7.44
CA ARG B 149 12.17 -13.57 6.03
C ARG B 149 13.19 -12.50 5.74
N ALA B 150 13.92 -12.63 4.62
CA ALA B 150 14.82 -11.57 4.08
C ALA B 150 14.34 -11.23 2.65
N ILE B 151 14.31 -10.01 2.26
CA ILE B 151 13.75 -9.84 0.98
C ILE B 151 14.96 -9.18 0.43
N LEU B 152 15.51 -9.86 -0.57
CA LEU B 152 16.78 -9.42 -1.10
C LEU B 152 16.58 -8.25 -2.02
N LEU B 153 17.43 -7.27 -1.94
CA LEU B 153 17.55 -6.30 -2.98
C LEU B 153 18.83 -6.39 -3.86
N ALA B 154 18.65 -6.47 -5.15
CA ALA B 154 19.71 -6.14 -6.11
C ALA B 154 20.64 -4.90 -5.89
N PRO B 155 21.94 -5.18 -5.56
CA PRO B 155 23.03 -4.14 -5.42
C PRO B 155 23.06 -3.24 -6.60
N SER B 156 22.66 -2.03 -6.42
CA SER B 156 22.52 -1.22 -7.62
C SER B 156 23.86 -0.81 -8.25
N CYS B 157 24.91 -0.69 -7.45
CA CYS B 157 26.12 -0.03 -7.99
C CYS B 157 27.42 -0.70 -7.54
N VAL B 158 27.78 -1.78 -8.18
CA VAL B 158 29.09 -2.38 -7.95
C VAL B 158 29.80 -2.32 -9.28
N PRO B 159 30.83 -1.47 -9.36
CA PRO B 159 31.30 -0.84 -8.19
C PRO B 159 30.62 0.58 -8.31
N SER B 160 30.99 1.55 -7.45
CA SER B 160 30.09 2.66 -7.11
C SER B 160 30.52 3.97 -7.88
N ALA B 161 31.79 4.21 -7.96
CA ALA B 161 32.19 5.04 -9.12
C ALA B 161 33.03 4.18 -10.09
N PRO B 162 32.35 3.43 -11.03
CA PRO B 162 33.18 2.72 -12.09
C PRO B 162 34.41 3.56 -12.69
N GLY B 163 35.57 2.92 -12.92
CA GLY B 163 36.74 3.64 -13.51
C GLY B 163 37.39 4.69 -12.62
N LEU B 164 36.61 5.25 -11.69
CA LEU B 164 37.29 5.67 -10.41
C LEU B 164 37.93 4.59 -9.42
N GLU B 165 37.47 3.32 -9.42
CA GLU B 165 38.04 2.33 -8.46
C GLU B 165 37.92 0.90 -8.92
N ARG B 166 38.39 -0.10 -8.17
CA ARG B 166 37.99 -1.48 -8.52
C ARG B 166 37.60 -2.46 -7.47
N GLY B 167 36.35 -2.83 -7.46
CA GLY B 167 35.88 -3.94 -6.62
C GLY B 167 36.23 -5.31 -7.24
N GLY B 168 35.45 -6.36 -6.84
CA GLY B 168 35.60 -7.76 -7.38
C GLY B 168 34.50 -7.95 -8.41
N ALA B 169 33.69 -6.92 -8.65
CA ALA B 169 32.69 -7.05 -9.73
C ALA B 169 32.32 -5.69 -10.40
N ASP B 170 31.48 -5.76 -11.43
CA ASP B 170 31.10 -4.61 -12.25
C ASP B 170 29.69 -4.97 -12.76
N PHE B 171 28.66 -4.19 -12.35
CA PHE B 171 27.25 -4.53 -12.57
C PHE B 171 26.64 -3.54 -13.61
N ASP B 172 26.17 -4.03 -14.76
CA ASP B 172 25.68 -3.08 -15.89
C ASP B 172 24.21 -3.32 -15.95
N ALA B 173 23.47 -2.44 -16.60
CA ALA B 173 22.02 -2.72 -16.73
C ALA B 173 21.58 -4.16 -17.04
N ALA B 174 22.42 -4.98 -17.71
CA ALA B 174 21.95 -6.31 -18.18
C ALA B 174 22.00 -7.37 -17.04
N ILE B 175 22.99 -7.11 -16.17
CA ILE B 175 23.14 -7.84 -14.90
C ILE B 175 21.96 -7.54 -13.99
N LEU B 176 21.81 -6.25 -13.60
CA LEU B 176 20.59 -5.83 -12.80
C LEU B 176 19.31 -6.54 -13.21
N ALA B 177 19.11 -6.50 -14.52
CA ALA B 177 17.89 -6.81 -15.08
C ALA B 177 17.64 -8.27 -14.83
N ASP B 178 18.73 -9.02 -14.85
CA ASP B 178 18.73 -10.46 -14.49
C ASP B 178 18.40 -10.78 -13.02
N LEU B 179 19.25 -10.30 -12.15
CA LEU B 179 18.85 -10.19 -10.78
C LEU B 179 17.33 -9.84 -10.51
N LEU B 180 16.82 -8.71 -11.08
CA LEU B 180 15.36 -8.38 -10.94
C LEU B 180 14.33 -9.44 -11.38
N SER B 181 14.76 -10.61 -11.84
CA SER B 181 13.75 -11.63 -12.25
C SER B 181 13.64 -12.68 -11.25
N TRP B 182 14.68 -12.75 -10.42
CA TRP B 182 14.69 -13.67 -9.34
C TRP B 182 13.48 -13.41 -8.42
N PRO B 183 12.64 -14.44 -8.23
CA PRO B 183 11.56 -14.34 -7.26
C PRO B 183 12.11 -13.98 -5.89
N GLU B 184 13.34 -14.25 -5.55
CA GLU B 184 13.74 -13.95 -4.18
C GLU B 184 13.93 -12.40 -4.03
N ILE B 185 14.10 -11.69 -5.15
CA ILE B 185 14.44 -10.24 -5.18
C ILE B 185 13.27 -9.29 -5.24
N GLY B 186 13.31 -8.31 -4.35
CA GLY B 186 12.21 -7.31 -4.24
C GLY B 186 12.46 -5.92 -4.85
N GLY B 187 13.63 -5.79 -5.45
CA GLY B 187 13.86 -4.59 -6.16
C GLY B 187 15.27 -4.19 -6.07
N ILE B 188 15.46 -2.96 -6.46
CA ILE B 188 16.77 -2.55 -6.69
C ILE B 188 17.19 -2.01 -5.38
N ALA B 189 18.27 -2.57 -4.80
CA ALA B 189 18.96 -1.89 -3.66
C ALA B 189 19.52 -0.51 -3.90
N GLU B 190 19.74 0.14 -2.80
CA GLU B 190 20.23 1.46 -2.55
C GLU B 190 21.00 2.06 -3.70
N ILE B 191 20.41 2.94 -4.43
CA ILE B 191 21.07 3.51 -5.56
C ILE B 191 21.83 4.76 -5.15
N MSE B 192 23.13 4.56 -4.97
CA MSE B 192 23.89 5.62 -4.45
C MSE B 192 24.84 6.40 -5.44
O MSE B 192 25.49 7.42 -5.05
CB MSE B 192 24.69 5.03 -3.40
CG MSE B 192 25.96 4.63 -4.00
SE MSE B 192 26.20 2.84 -3.35
CE MSE B 192 25.14 1.61 -4.50
N ASN B 193 24.91 5.93 -6.68
CA ASN B 193 25.60 6.71 -7.67
C ASN B 193 24.62 7.73 -8.15
N MSE B 194 24.59 8.83 -7.43
CA MSE B 194 23.51 9.81 -7.54
C MSE B 194 23.67 10.83 -8.60
O MSE B 194 22.67 11.31 -9.16
CB MSE B 194 23.37 10.63 -6.27
CG MSE B 194 23.57 9.79 -5.09
SE MSE B 194 23.36 10.85 -3.50
CE MSE B 194 25.32 11.46 -3.19
N ARG B 195 24.92 11.27 -8.78
CA ARG B 195 25.17 12.42 -9.58
C ARG B 195 24.92 11.81 -10.99
N GLY B 196 25.38 10.57 -11.17
CA GLY B 196 25.12 9.82 -12.37
C GLY B 196 23.68 9.36 -12.59
N VAL B 197 22.71 9.74 -11.74
CA VAL B 197 21.29 9.44 -12.04
C VAL B 197 20.70 10.74 -12.44
N ILE B 198 20.93 11.76 -11.63
CA ILE B 198 20.56 13.12 -11.91
C ILE B 198 21.01 13.49 -13.31
N GLU B 199 22.17 13.01 -13.76
CA GLU B 199 22.63 13.35 -15.17
C GLU B 199 22.20 12.53 -16.36
N ARG B 200 21.51 11.45 -16.08
CA ARG B 200 21.20 10.46 -17.03
C ARG B 200 22.47 9.88 -17.57
N ASP B 201 23.44 9.56 -16.75
CA ASP B 201 24.44 8.69 -17.31
C ASP B 201 23.91 7.23 -17.78
N PRO B 202 24.31 6.80 -18.93
CA PRO B 202 23.58 5.64 -19.49
C PRO B 202 23.52 4.36 -18.67
N ARG B 203 24.48 4.23 -17.75
CA ARG B 203 24.71 2.96 -17.12
C ARG B 203 23.79 2.96 -15.90
N MSE B 204 23.74 4.01 -15.08
CA MSE B 204 22.60 4.16 -14.07
C MSE B 204 21.20 4.11 -14.63
O MSE B 204 20.33 3.30 -14.24
CB MSE B 204 22.65 5.49 -13.38
CG MSE B 204 23.81 5.57 -12.41
SE MSE B 204 23.96 4.22 -10.91
CE MSE B 204 25.66 2.87 -11.61
N SER B 205 21.01 5.02 -15.58
CA SER B 205 19.84 5.05 -16.34
C SER B 205 19.50 3.71 -16.78
N GLY B 206 20.32 2.83 -17.32
CA GLY B 206 19.78 1.49 -17.81
C GLY B 206 19.35 0.60 -16.59
N ILE B 207 20.14 0.75 -15.52
CA ILE B 207 19.87 0.13 -14.24
C ILE B 207 18.54 0.63 -13.60
N VAL B 208 18.30 1.95 -13.48
CA VAL B 208 16.95 2.43 -13.12
C VAL B 208 15.79 1.89 -14.00
N GLN B 209 16.06 1.96 -15.31
CA GLN B 209 15.04 1.65 -16.25
C GLN B 209 14.58 0.26 -16.04
N ALA B 210 15.49 -0.71 -15.84
CA ALA B 210 15.16 -2.16 -15.53
C ALA B 210 14.41 -2.30 -14.21
N GLY B 211 14.80 -1.51 -13.20
CA GLY B 211 13.95 -1.24 -12.04
C GLY B 211 12.49 -1.01 -12.34
N LEU B 212 12.22 0.05 -13.06
CA LEU B 212 10.88 0.30 -13.50
C LEU B 212 10.32 -0.90 -14.34
N ALA B 213 11.05 -1.39 -15.34
CA ALA B 213 10.48 -2.48 -16.17
C ALA B 213 10.04 -3.58 -15.26
N ALA B 214 10.81 -3.75 -14.17
CA ALA B 214 10.60 -4.86 -13.27
C ALA B 214 9.34 -4.76 -12.42
N GLU B 215 8.83 -3.56 -12.27
CA GLU B 215 7.60 -3.52 -11.46
C GLU B 215 7.83 -4.00 -9.95
N LYS B 216 9.00 -3.63 -9.43
CA LYS B 216 9.52 -3.87 -8.11
C LYS B 216 10.10 -2.51 -7.52
N LEU B 217 10.40 -2.50 -6.21
CA LEU B 217 10.92 -1.28 -5.55
C LEU B 217 12.12 -0.80 -6.21
N VAL B 218 12.44 0.47 -6.05
CA VAL B 218 13.66 1.08 -6.60
C VAL B 218 14.16 1.92 -5.41
N CYS B 219 15.17 1.56 -4.67
CA CYS B 219 15.44 2.36 -3.45
C CYS B 219 16.60 3.34 -3.60
N GLY B 220 16.56 4.54 -3.00
CA GLY B 220 17.73 5.45 -3.12
C GLY B 220 18.65 5.66 -1.90
N HIS B 221 19.79 6.30 -2.18
CA HIS B 221 20.77 6.73 -1.20
C HIS B 221 20.87 8.15 -1.63
N ALA B 222 20.36 9.10 -0.86
CA ALA B 222 20.28 10.46 -1.30
C ALA B 222 21.04 11.41 -0.38
N ARG B 223 22.28 11.03 -0.03
CA ARG B 223 23.02 11.91 0.91
C ARG B 223 23.31 13.30 0.24
N GLY B 224 22.83 14.41 0.77
CA GLY B 224 23.18 15.65 0.11
C GLY B 224 22.14 16.18 -0.86
N LEU B 225 21.49 15.38 -1.68
CA LEU B 225 20.59 16.04 -2.68
C LEU B 225 19.62 16.98 -1.95
N LYS B 226 19.30 18.10 -2.58
CA LYS B 226 18.36 19.05 -2.07
C LYS B 226 17.56 19.50 -3.27
N ASN B 227 16.47 20.21 -3.04
CA ASN B 227 15.71 20.74 -4.14
C ASN B 227 15.72 19.97 -5.44
N ALA B 228 16.20 20.64 -6.49
CA ALA B 228 16.20 20.22 -7.88
C ALA B 228 16.81 18.86 -8.04
N ASP B 229 17.91 18.67 -7.33
CA ASP B 229 18.67 17.45 -7.46
C ASP B 229 17.77 16.28 -6.96
N LEU B 230 17.20 16.51 -5.77
CA LEU B 230 16.11 15.73 -5.19
C LEU B 230 14.92 15.36 -6.17
N ASN B 231 14.20 16.41 -6.56
CA ASN B 231 13.25 16.28 -7.62
C ASN B 231 13.77 15.37 -8.74
N ALA B 232 14.98 15.60 -9.20
CA ALA B 232 15.35 14.89 -10.41
C ALA B 232 15.68 13.43 -10.17
N PHE B 233 16.12 13.14 -8.93
CA PHE B 233 16.43 11.79 -8.45
C PHE B 233 15.11 11.05 -8.32
N MSE B 234 14.11 11.80 -7.87
CA MSE B 234 12.83 11.23 -7.74
C MSE B 234 12.09 11.03 -9.09
O MSE B 234 11.37 10.00 -9.24
CB MSE B 234 12.08 12.01 -6.72
CG MSE B 234 12.67 11.80 -5.34
SE MSE B 234 11.20 12.43 -4.17
CE MSE B 234 9.70 10.97 -4.80
N ALA B 235 12.33 11.93 -10.04
CA ALA B 235 11.81 11.75 -11.37
C ALA B 235 12.45 10.65 -12.20
N ALA B 236 13.62 10.19 -11.83
CA ALA B 236 14.01 8.99 -12.49
C ALA B 236 13.21 7.84 -11.95
N GLY B 237 12.42 8.13 -10.89
CA GLY B 237 11.72 7.10 -10.07
C GLY B 237 12.34 6.31 -8.89
N VAL B 238 13.32 6.93 -8.27
CA VAL B 238 13.80 6.34 -7.08
C VAL B 238 12.86 6.87 -5.95
N SER B 239 12.36 6.02 -5.04
CA SER B 239 11.32 6.51 -4.06
C SER B 239 11.64 6.40 -2.58
N SER B 240 12.86 6.02 -2.21
CA SER B 240 13.20 5.93 -0.77
C SER B 240 14.62 6.24 -0.53
N ASP B 241 14.90 6.61 0.70
CA ASP B 241 16.21 7.04 1.11
C ASP B 241 16.44 6.90 2.62
N HIS B 242 17.71 6.69 3.05
CA HIS B 242 18.02 6.59 4.51
C HIS B 242 18.97 7.60 5.06
N GLU B 243 19.71 8.23 4.10
CA GLU B 243 20.84 9.17 4.40
C GLU B 243 20.24 10.52 4.78
N LEU B 244 19.89 10.74 6.06
CA LEU B 244 19.31 12.06 6.53
C LEU B 244 20.28 12.76 7.45
N VAL B 245 20.44 14.07 7.33
CA VAL B 245 21.66 14.63 8.02
C VAL B 245 21.20 15.63 9.05
N SER B 246 19.87 15.83 9.00
CA SER B 246 19.22 16.53 10.03
C SER B 246 17.62 16.32 10.02
N GLY B 247 16.92 16.92 10.99
CA GLY B 247 15.47 17.02 11.03
C GLY B 247 14.96 17.73 9.81
N GLU B 248 15.77 18.63 9.24
CA GLU B 248 15.26 19.45 8.14
C GLU B 248 15.43 18.64 6.86
N ASP B 249 16.50 17.85 6.85
CA ASP B 249 16.61 16.77 5.87
C ASP B 249 15.39 15.75 6.05
N LEU B 250 15.00 15.41 7.30
CA LEU B 250 13.79 14.61 7.49
C LEU B 250 12.69 15.29 6.83
N MSE B 251 12.52 16.60 7.07
CA MSE B 251 11.23 17.23 6.79
C MSE B 251 11.18 17.31 5.35
O MSE B 251 10.12 17.26 4.75
CB MSE B 251 11.10 18.62 7.38
CG MSE B 251 10.75 18.65 8.82
SE MSE B 251 9.08 17.41 9.22
CE MSE B 251 7.47 18.44 8.18
N ALA B 252 12.33 17.43 4.73
CA ALA B 252 12.21 17.95 3.34
C ALA B 252 11.95 16.78 2.43
N LYS B 253 12.55 15.64 2.82
CA LYS B 253 12.37 14.39 2.10
C LYS B 253 10.99 13.83 2.30
N LEU B 254 10.46 14.01 3.52
CA LEU B 254 9.03 13.80 3.80
C LEU B 254 8.21 14.53 2.82
N ARG B 255 8.46 15.86 2.70
CA ARG B 255 7.60 16.64 1.86
C ARG B 255 7.83 16.23 0.38
N ALA B 256 9.05 15.85 0.05
CA ALA B 256 9.26 15.43 -1.35
C ALA B 256 8.50 14.12 -1.66
N GLY B 257 8.03 13.33 -0.65
CA GLY B 257 7.21 12.17 -0.98
C GLY B 257 8.06 10.93 -0.99
N LEU B 258 9.26 11.00 -0.39
CA LEU B 258 10.07 9.79 -0.39
C LEU B 258 9.43 8.86 0.64
N THR B 259 9.57 7.53 0.38
CA THR B 259 9.44 6.68 1.52
C THR B 259 10.69 6.81 2.35
N ILE B 260 10.50 6.95 3.67
CA ILE B 260 11.73 7.08 4.59
C ILE B 260 12.19 5.82 5.27
N GLU B 261 13.50 5.54 5.15
CA GLU B 261 14.09 4.43 5.83
C GLU B 261 14.81 4.90 7.06
N LEU B 262 14.05 5.29 8.10
CA LEU B 262 14.64 5.89 9.25
C LEU B 262 15.69 4.96 9.91
N ARG B 263 16.96 5.32 9.71
CA ARG B 263 18.04 4.58 10.32
C ARG B 263 18.47 4.82 11.80
N GLY B 264 18.71 3.72 12.53
CA GLY B 264 19.24 3.81 13.85
C GLY B 264 20.77 3.91 13.88
N SER B 265 21.43 3.43 12.88
CA SER B 265 22.92 3.56 12.84
C SER B 265 23.60 4.95 13.05
N HIS B 266 22.91 6.08 13.16
CA HIS B 266 23.58 7.35 13.41
C HIS B 266 22.94 7.88 14.66
N ASP B 267 23.29 7.20 15.75
CA ASP B 267 22.49 7.34 16.96
C ASP B 267 22.23 8.79 17.38
N HIS B 268 23.15 9.70 17.00
CA HIS B 268 23.34 11.00 17.61
C HIS B 268 22.37 11.96 17.06
N LEU B 269 21.65 11.58 16.05
CA LEU B 269 20.63 12.47 15.43
C LEU B 269 19.15 12.08 15.81
N LEU B 270 18.96 10.91 16.44
CA LEU B 270 17.59 10.50 16.73
C LEU B 270 16.80 11.51 17.50
N PRO B 271 17.37 12.16 18.51
CA PRO B 271 16.76 13.34 19.09
C PRO B 271 16.16 14.33 18.07
N GLU B 272 16.88 14.60 16.96
CA GLU B 272 16.34 15.56 15.93
C GLU B 272 15.08 15.10 15.13
N PHE B 273 15.10 13.88 14.68
CA PHE B 273 13.90 13.31 14.18
C PHE B 273 12.80 13.31 15.26
N VAL B 274 13.17 12.79 16.42
CA VAL B 274 12.05 12.65 17.33
C VAL B 274 11.28 13.98 17.47
N ALA B 275 12.03 15.07 17.66
CA ALA B 275 11.56 16.48 17.65
C ALA B 275 10.86 16.87 16.43
N ALA B 276 11.38 16.63 15.26
CA ALA B 276 10.43 17.12 14.13
C ALA B 276 9.10 16.39 13.98
N LEU B 277 9.19 15.03 14.12
CA LEU B 277 8.01 14.18 14.05
C LEU B 277 7.03 14.71 15.17
N ASN B 278 7.41 14.72 16.48
CA ASN B 278 6.54 15.29 17.57
C ASN B 278 6.02 16.62 17.15
N THR B 279 6.93 17.57 16.95
CA THR B 279 6.61 18.84 16.21
C THR B 279 5.58 18.84 15.02
N LEU B 280 5.85 18.20 13.89
CA LEU B 280 4.80 17.99 12.91
C LEU B 280 3.50 17.65 13.62
N GLY B 281 3.40 16.48 14.27
CA GLY B 281 2.29 16.17 15.24
C GLY B 281 1.49 14.84 14.95
N HIS B 282 2.01 14.02 14.00
CA HIS B 282 1.50 12.80 13.68
C HIS B 282 2.62 12.07 12.93
N LEU B 283 2.56 10.70 12.83
CA LEU B 283 3.64 9.98 12.14
C LEU B 283 3.20 9.75 10.75
N PRO B 284 3.93 10.24 9.74
CA PRO B 284 3.39 10.01 8.35
C PRO B 284 3.54 8.61 7.79
N GLN B 285 2.66 8.17 6.90
CA GLN B 285 2.54 6.74 6.64
C GLN B 285 3.69 6.23 5.72
N THR B 286 4.71 7.09 5.50
CA THR B 286 5.83 6.78 4.64
C THR B 286 7.05 6.62 5.51
N VAL B 287 6.97 6.98 6.79
CA VAL B 287 8.09 6.65 7.66
C VAL B 287 8.16 5.15 7.98
N THR B 288 9.36 4.55 7.80
CA THR B 288 9.56 3.16 8.07
C THR B 288 10.83 3.13 8.89
N LEU B 289 11.36 1.98 9.28
CA LEU B 289 12.50 1.94 10.08
C LEU B 289 13.50 0.96 9.61
N CYS B 290 14.78 1.26 9.85
CA CYS B 290 15.88 0.41 9.41
C CYS B 290 17.08 0.42 10.29
N THR B 291 17.94 -0.58 10.07
CA THR B 291 19.23 -0.66 10.74
C THR B 291 20.26 -0.10 9.88
N ASP B 292 20.26 -0.58 8.63
CA ASP B 292 21.41 -0.13 7.76
C ASP B 292 22.71 -0.84 8.28
N ASP B 293 23.59 -0.16 8.99
CA ASP B 293 24.88 -0.88 9.39
C ASP B 293 25.03 -0.89 10.87
N VAL B 294 25.00 -2.14 11.44
CA VAL B 294 25.17 -2.48 12.83
C VAL B 294 26.31 -3.43 13.05
N PHE B 295 27.35 -2.88 13.66
CA PHE B 295 28.56 -3.49 14.16
C PHE B 295 28.20 -4.51 15.12
N PRO B 296 29.00 -5.55 15.29
CA PRO B 296 28.55 -6.78 15.92
C PRO B 296 28.29 -6.62 17.34
N ASP B 297 28.98 -5.65 17.96
CA ASP B 297 28.90 -5.50 19.45
C ASP B 297 27.55 -4.78 19.67
N ASP B 298 27.23 -3.80 18.83
CA ASP B 298 25.85 -3.22 18.89
C ASP B 298 24.74 -4.24 18.49
N LEU B 299 24.96 -5.21 17.62
CA LEU B 299 23.93 -6.28 17.37
C LEU B 299 23.61 -7.08 18.64
N LEU B 300 24.65 -7.34 19.46
CA LEU B 300 24.67 -8.11 20.67
C LEU B 300 24.25 -7.27 21.81
N GLN B 301 25.00 -6.24 22.18
CA GLN B 301 24.53 -5.32 23.32
C GLN B 301 23.07 -4.76 23.11
N GLY B 302 22.81 -4.15 21.90
CA GLY B 302 21.63 -3.39 21.49
C GLY B 302 20.58 -4.30 20.93
N GLY B 303 20.83 -4.95 19.82
CA GLY B 303 21.16 -4.28 18.47
C GLY B 303 20.07 -4.91 17.68
N GLY B 304 19.86 -4.62 16.43
CA GLY B 304 18.66 -5.24 15.83
C GLY B 304 17.66 -4.14 15.56
N LEU B 305 16.66 -4.34 14.69
CA LEU B 305 15.71 -3.34 14.31
C LEU B 305 14.89 -2.97 15.56
N ASP B 306 14.40 -3.98 16.32
CA ASP B 306 14.09 -3.76 17.75
C ASP B 306 14.85 -2.58 18.37
N ASP B 307 16.11 -2.42 18.10
CA ASP B 307 16.77 -1.46 18.92
C ASP B 307 16.55 0.00 18.42
N VAL B 308 16.16 0.14 17.17
CA VAL B 308 15.73 1.39 16.54
C VAL B 308 14.40 1.71 17.17
N VAL B 309 13.38 0.82 17.11
CA VAL B 309 12.23 1.07 18.02
C VAL B 309 12.65 1.65 19.46
N ARG B 310 13.65 0.98 20.07
CA ARG B 310 13.75 0.98 21.56
C ARG B 310 14.35 2.34 21.78
N ARG B 311 15.49 2.62 21.08
CA ARG B 311 16.09 3.95 21.17
C ARG B 311 15.19 5.18 20.80
N LEU B 312 14.44 5.04 19.71
CA LEU B 312 13.59 6.13 19.36
C LEU B 312 12.73 6.43 20.54
N VAL B 313 12.09 5.39 21.13
CA VAL B 313 11.19 5.62 22.22
C VAL B 313 11.95 6.29 23.41
N ARG B 314 13.16 5.84 23.67
CA ARG B 314 13.94 6.32 24.80
C ARG B 314 14.11 7.83 24.54
N TYR B 315 14.11 8.29 23.28
CA TYR B 315 14.37 9.66 23.05
C TYR B 315 13.11 10.42 22.87
N GLY B 316 11.99 9.72 22.96
CA GLY B 316 10.67 10.41 23.02
C GLY B 316 9.57 10.35 21.97
N LEU B 317 9.77 9.48 20.99
CA LEU B 317 8.63 9.09 20.13
C LEU B 317 7.72 8.14 20.92
N LYS B 318 6.41 8.37 21.00
CA LYS B 318 5.45 7.31 21.34
C LYS B 318 5.72 5.91 20.78
N PRO B 319 5.52 4.90 21.65
CA PRO B 319 5.76 3.47 21.15
C PRO B 319 4.81 3.14 20.03
N GLU B 320 3.69 3.80 20.00
CA GLU B 320 2.75 3.43 18.96
C GLU B 320 3.30 3.87 17.64
N TRP B 321 3.83 5.06 17.58
CA TRP B 321 4.34 5.57 16.41
C TRP B 321 5.43 4.66 16.18
N ALA B 322 6.35 4.53 17.15
CA ALA B 322 7.56 3.71 16.81
C ALA B 322 7.07 2.37 16.16
N LEU B 323 6.08 1.71 16.81
CA LEU B 323 5.72 0.40 16.34
C LEU B 323 5.08 0.42 14.94
N ARG B 324 4.17 1.36 14.70
CA ARG B 324 3.49 1.49 13.36
C ARG B 324 4.58 1.55 12.28
N ALA B 325 5.68 2.16 12.57
CA ALA B 325 6.61 2.40 11.54
C ALA B 325 7.33 1.13 11.25
N ALA B 326 7.74 0.47 12.31
CA ALA B 326 8.49 -0.72 12.23
C ALA B 326 7.67 -1.88 11.62
N THR B 327 6.36 -1.69 11.40
CA THR B 327 5.44 -2.78 11.00
C THR B 327 4.48 -2.37 9.83
N LEU B 328 3.34 -1.80 10.17
CA LEU B 328 2.38 -1.53 9.14
C LEU B 328 2.96 -0.57 8.11
N ASN B 329 3.58 0.54 8.51
CA ASN B 329 4.21 1.29 7.40
C ASN B 329 5.17 0.55 6.42
N ALA B 330 6.10 -0.22 6.98
CA ALA B 330 7.06 -1.03 6.19
C ALA B 330 6.31 -2.09 5.37
N ALA B 331 5.19 -2.60 5.89
CA ALA B 331 4.46 -3.53 5.05
C ALA B 331 3.85 -2.88 3.81
N GLN B 332 3.37 -1.67 3.96
CA GLN B 332 2.81 -0.89 2.81
C GLN B 332 3.91 -0.63 1.84
N ARG B 333 5.05 -0.14 2.36
CA ARG B 333 6.17 0.08 1.50
C ARG B 333 6.44 -1.20 0.75
N LEU B 334 6.45 -2.36 1.45
CA LEU B 334 6.89 -3.55 0.77
C LEU B 334 5.88 -4.15 -0.17
N GLY B 335 4.60 -3.73 -0.21
CA GLY B 335 3.55 -4.28 -0.97
C GLY B 335 3.04 -5.50 -0.22
N ARG B 336 3.23 -5.58 1.08
CA ARG B 336 2.83 -6.84 1.66
C ARG B 336 1.65 -6.77 2.60
N SER B 337 0.48 -7.13 2.12
CA SER B 337 -0.70 -7.07 2.97
C SER B 337 -0.89 -8.32 3.84
N ASP B 338 0.19 -9.11 3.84
CA ASP B 338 0.12 -10.24 4.70
C ASP B 338 0.91 -9.86 5.91
N LEU B 339 1.70 -8.77 5.84
CA LEU B 339 2.53 -8.42 6.98
C LEU B 339 2.07 -7.24 7.79
N GLY B 340 2.76 -6.95 8.86
CA GLY B 340 2.77 -5.60 9.48
C GLY B 340 1.58 -5.28 10.39
N LEU B 341 0.64 -6.19 10.54
CA LEU B 341 -0.57 -5.84 11.24
C LEU B 341 -1.24 -7.01 11.92
N ILE B 342 -1.84 -6.79 13.08
CA ILE B 342 -2.46 -7.93 13.66
C ILE B 342 -3.92 -7.95 13.23
N ALA B 343 -4.24 -8.49 12.04
CA ALA B 343 -5.62 -8.64 11.70
C ALA B 343 -6.09 -10.07 11.19
N ALA B 344 -7.38 -10.40 11.18
CA ALA B 344 -7.67 -11.81 10.79
C ALA B 344 -7.33 -11.84 9.28
N GLY B 345 -6.69 -12.87 8.77
CA GLY B 345 -6.25 -12.75 7.38
C GLY B 345 -4.81 -12.42 7.05
N ARG B 346 -3.96 -12.11 8.01
CA ARG B 346 -2.51 -11.79 7.67
C ARG B 346 -1.71 -12.92 8.30
N ARG B 347 -0.39 -12.88 8.06
CA ARG B 347 0.54 -13.90 8.49
C ARG B 347 0.72 -13.67 9.97
N ALA B 348 0.67 -14.73 10.78
CA ALA B 348 0.94 -14.64 12.21
C ALA B 348 2.42 -14.47 12.43
N ASP B 349 3.02 -13.36 11.95
CA ASP B 349 4.31 -12.88 12.45
C ASP B 349 3.98 -11.87 13.61
N ILE B 350 4.25 -12.22 14.87
CA ILE B 350 3.92 -11.53 16.10
C ILE B 350 5.09 -11.62 17.08
N VAL B 351 5.30 -10.56 17.85
CA VAL B 351 6.23 -10.54 18.93
C VAL B 351 5.42 -9.99 20.13
N VAL B 352 5.57 -10.64 21.32
CA VAL B 352 4.96 -10.24 22.56
C VAL B 352 6.04 -9.60 23.33
N PHE B 353 5.95 -8.29 23.59
CA PHE B 353 6.97 -7.57 24.37
C PHE B 353 6.55 -7.34 25.83
N GLU B 354 7.47 -7.50 26.74
CA GLU B 354 7.17 -7.42 28.16
C GLU B 354 6.62 -6.04 28.42
N ASP B 355 7.21 -5.01 27.81
CA ASP B 355 6.57 -3.62 27.91
C ASP B 355 7.14 -2.73 26.82
N LEU B 356 6.90 -1.44 26.88
CA LEU B 356 7.04 -0.73 25.67
C LEU B 356 8.13 0.24 25.99
N ASN B 357 8.93 -0.15 26.97
CA ASN B 357 10.17 0.51 27.36
C ASN B 357 11.38 -0.32 26.94
N GLY B 358 11.53 -1.54 27.48
CA GLY B 358 12.67 -2.38 27.21
C GLY B 358 12.43 -3.09 25.90
N PHE B 359 11.20 -3.37 25.51
CA PHE B 359 10.91 -4.04 24.17
C PHE B 359 11.51 -5.41 24.11
N SER B 360 11.07 -6.09 25.12
CA SER B 360 11.66 -7.26 25.54
C SER B 360 10.82 -8.47 25.06
N ALA B 361 11.36 -9.19 24.07
CA ALA B 361 10.48 -10.17 23.48
C ALA B 361 10.07 -11.42 24.32
N ARG B 362 9.10 -11.35 25.20
CA ARG B 362 8.73 -12.62 25.82
C ARG B 362 8.38 -13.71 24.77
N HIS B 363 7.61 -13.43 23.69
CA HIS B 363 7.46 -14.43 22.60
C HIS B 363 7.60 -13.86 21.20
N VAL B 364 7.95 -14.76 20.27
CA VAL B 364 8.15 -14.42 18.89
C VAL B 364 7.54 -15.54 18.10
N LEU B 365 6.52 -15.29 17.29
CA LEU B 365 5.94 -16.19 16.38
C LEU B 365 6.22 -15.75 14.87
N ALA B 366 6.53 -16.75 13.97
CA ALA B 366 6.99 -16.64 12.50
C ALA B 366 6.08 -17.63 11.98
N SER B 367 5.50 -17.35 10.83
CA SER B 367 4.29 -17.98 10.33
C SER B 367 3.41 -18.73 11.22
N GLY B 368 3.22 -20.01 11.11
CA GLY B 368 2.49 -20.34 12.36
C GLY B 368 3.23 -20.25 13.75
N ARG B 369 4.52 -20.04 13.83
CA ARG B 369 5.25 -20.99 14.68
C ARG B 369 6.16 -20.36 15.71
N ALA B 370 6.13 -20.86 16.94
CA ALA B 370 6.78 -20.06 17.99
C ALA B 370 8.26 -20.31 17.66
N VAL B 371 9.07 -19.30 17.45
CA VAL B 371 10.45 -19.58 17.17
C VAL B 371 11.45 -19.01 18.18
N ALA B 372 11.03 -18.12 19.09
CA ALA B 372 11.81 -17.81 20.27
C ALA B 372 10.90 -17.56 21.44
N GLU B 373 11.42 -17.72 22.67
CA GLU B 373 10.79 -17.36 23.92
C GLU B 373 11.87 -16.80 24.80
N GLY B 374 11.51 -15.97 25.78
CA GLY B 374 12.43 -14.97 26.33
C GLY B 374 13.88 -14.94 25.80
N GLY B 375 14.12 -14.57 24.56
CA GLY B 375 15.43 -14.01 24.27
C GLY B 375 16.26 -15.10 23.71
N ARG B 376 15.75 -16.30 23.83
CA ARG B 376 16.51 -17.38 23.22
C ARG B 376 15.69 -18.09 22.17
N MSE B 377 16.34 -18.56 21.10
CA MSE B 377 15.70 -19.27 19.92
C MSE B 377 15.18 -20.56 20.34
O MSE B 377 15.88 -21.23 21.04
CB MSE B 377 16.77 -19.70 18.90
CG MSE B 377 17.38 -18.60 18.05
SE MSE B 377 15.84 -17.72 17.23
CE MSE B 377 15.61 -18.74 15.58
N LEU B 378 14.03 -20.97 19.82
CA LEU B 378 13.41 -22.24 20.15
C LEU B 378 13.47 -23.25 19.03
N VAL B 379 14.01 -22.87 17.87
CA VAL B 379 14.15 -23.80 16.71
C VAL B 379 15.53 -23.64 16.14
N ASP B 380 15.94 -24.63 15.34
CA ASP B 380 17.31 -24.60 14.81
C ASP B 380 17.23 -23.78 13.59
N ILE B 381 18.25 -22.99 13.35
CA ILE B 381 18.32 -22.11 12.21
C ILE B 381 19.30 -22.82 11.31
N PRO B 382 18.80 -23.26 10.16
CA PRO B 382 19.85 -23.92 9.35
C PRO B 382 21.00 -23.00 8.70
N THR B 383 22.22 -23.54 8.75
CA THR B 383 23.40 -22.91 8.26
C THR B 383 23.63 -23.24 6.80
N CYS B 384 24.75 -22.78 6.30
CA CYS B 384 24.85 -22.77 4.90
C CYS B 384 26.33 -22.99 4.65
N ASP B 385 26.74 -23.62 3.54
CA ASP B 385 28.17 -23.80 3.41
C ASP B 385 28.87 -22.47 2.98
N THR B 386 29.96 -22.11 3.61
CA THR B 386 30.51 -20.83 3.29
C THR B 386 31.54 -20.85 2.18
N THR B 387 31.60 -21.95 1.39
CA THR B 387 32.91 -22.24 0.71
C THR B 387 33.25 -21.23 -0.35
N VAL B 388 32.26 -20.88 -1.17
CA VAL B 388 32.33 -19.68 -2.05
C VAL B 388 32.94 -18.43 -1.42
N LEU B 389 32.92 -18.31 -0.10
CA LEU B 389 33.42 -17.05 0.47
C LEU B 389 34.89 -17.01 0.84
N LYS B 390 35.58 -18.17 0.67
CA LYS B 390 37.04 -18.32 1.08
C LYS B 390 38.12 -17.76 0.20
N GLY B 391 39.22 -17.39 0.77
CA GLY B 391 40.37 -16.93 -0.02
C GLY B 391 40.00 -15.87 -1.03
N SER B 392 39.22 -14.88 -0.59
CA SER B 392 39.00 -13.73 -1.41
C SER B 392 40.15 -12.80 -1.22
N MSE B 393 41.23 -13.25 -0.59
CA MSE B 393 42.43 -12.42 -0.39
C MSE B 393 43.52 -12.73 -1.44
O MSE B 393 44.05 -13.88 -1.46
CB MSE B 393 42.99 -12.73 0.96
CG MSE B 393 42.31 -11.91 2.03
SE MSE B 393 42.08 -9.87 1.83
CE MSE B 393 43.77 -9.08 1.33
N LYS B 394 43.80 -11.81 -2.37
CA LYS B 394 44.50 -12.27 -3.55
C LYS B 394 45.63 -11.34 -3.85
N LEU B 395 46.66 -11.43 -3.00
CA LEU B 395 47.79 -10.56 -3.13
C LEU B 395 48.95 -11.07 -2.29
N PRO B 396 50.13 -10.52 -2.61
CA PRO B 396 51.42 -10.62 -1.89
C PRO B 396 51.59 -9.62 -0.76
N LEU B 397 52.19 -10.17 0.30
CA LEU B 397 52.60 -9.45 1.45
C LEU B 397 53.15 -8.12 1.02
N ARG B 398 52.92 -7.12 1.84
CA ARG B 398 53.34 -5.80 1.54
C ARG B 398 54.63 -5.65 2.23
N MSE B 399 55.16 -4.44 2.08
CA MSE B 399 56.37 -3.97 2.75
C MSE B 399 56.34 -2.51 2.81
O MSE B 399 55.52 -1.86 2.18
CB MSE B 399 57.59 -4.37 2.00
CG MSE B 399 57.85 -5.83 2.22
SE MSE B 399 59.41 -6.25 1.17
CE MSE B 399 58.73 -7.06 -0.98
N ALA B 400 57.26 -1.99 3.58
CA ALA B 400 57.13 -0.63 3.95
C ALA B 400 57.43 0.24 2.73
N ASN B 401 58.25 -0.26 1.81
CA ASN B 401 58.12 -0.06 0.34
C ASN B 401 56.74 0.64 0.01
N ASP B 402 55.67 -0.17 0.09
CA ASP B 402 54.32 0.08 -0.42
C ASP B 402 53.69 1.30 0.21
N PHE B 403 54.22 1.72 1.34
CA PHE B 403 53.56 2.76 2.14
C PHE B 403 54.31 4.08 1.91
N LEU B 404 55.44 3.96 1.20
CA LEU B 404 56.14 5.13 0.68
C LEU B 404 55.81 5.46 -0.78
N VAL B 405 55.81 6.77 -1.05
CA VAL B 405 55.80 7.39 -2.38
C VAL B 405 57.22 7.79 -2.89
N LYS B 406 57.70 7.22 -4.03
CA LYS B 406 58.85 7.78 -4.91
C LYS B 406 58.74 9.21 -5.62
N SER B 407 59.87 9.96 -5.76
CA SER B 407 59.90 11.36 -6.46
C SER B 407 61.23 11.99 -7.02
N GLN B 408 61.30 12.23 -8.35
CA GLN B 408 62.56 12.67 -9.06
C GLN B 408 63.44 13.58 -8.15
N THR B 416 45.95 16.20 -2.19
CA THR B 416 46.57 15.63 -0.99
C THR B 416 45.57 15.90 0.22
N ILE B 417 44.75 14.88 0.55
CA ILE B 417 43.37 15.03 1.12
C ILE B 417 43.34 15.63 2.49
N ASP B 418 42.53 16.69 2.67
CA ASP B 418 42.27 17.32 3.98
C ASP B 418 41.04 16.76 4.56
N ARG B 419 40.85 16.90 5.84
CA ARG B 419 39.50 16.66 6.34
C ARG B 419 39.03 15.16 6.23
N PRO B 420 38.00 14.77 7.02
CA PRO B 420 37.42 13.41 7.14
C PRO B 420 36.00 13.50 6.62
N ARG B 421 35.02 12.73 7.13
CA ARG B 421 33.63 12.52 6.52
C ARG B 421 33.01 13.46 5.42
N PHE B 422 33.51 14.72 5.32
CA PHE B 422 33.20 15.69 4.23
C PHE B 422 34.59 16.22 3.86
N THR B 423 34.95 16.10 2.57
CA THR B 423 36.36 16.01 2.13
C THR B 423 36.98 17.29 1.44
N GLN B 424 38.16 17.24 0.80
CA GLN B 424 38.86 18.50 0.46
C GLN B 424 40.24 18.41 -0.27
N TRP B 425 41.06 19.49 -0.36
CA TRP B 425 42.41 19.41 -1.04
C TRP B 425 43.60 20.18 -0.40
N GLY B 426 44.82 19.71 -0.62
CA GLY B 426 46.01 20.34 -0.05
C GLY B 426 47.27 20.15 -0.90
N THR B 428 50.42 20.41 -0.66
CA THR B 428 51.37 21.21 0.18
C THR B 428 52.86 20.69 0.15
N GLU B 429 53.48 20.54 1.32
CA GLU B 429 54.95 20.51 1.36
C GLU B 429 55.57 19.28 1.95
N ALA B 430 56.64 18.79 1.33
CA ALA B 430 57.74 18.22 2.08
C ALA B 430 58.88 17.81 1.19
N ASP B 431 59.68 16.86 1.68
CA ASP B 431 60.97 16.57 1.12
C ASP B 431 61.09 15.13 0.71
N VAL B 432 62.19 14.84 0.05
CA VAL B 432 62.46 13.51 -0.40
C VAL B 432 63.77 13.19 0.34
N LYS B 433 63.76 12.21 1.23
CA LYS B 433 65.03 11.62 1.67
C LYS B 433 65.18 10.56 0.63
N ASP B 434 66.36 9.95 0.60
CA ASP B 434 66.63 8.83 -0.30
C ASP B 434 66.09 9.08 -1.77
N GLY B 435 65.00 8.40 -2.11
CA GLY B 435 64.35 8.58 -3.40
C GLY B 435 62.89 8.30 -3.18
N PHE B 436 62.44 8.54 -1.93
CA PHE B 436 61.03 8.42 -1.49
C PHE B 436 60.71 9.72 -0.75
N VAL B 437 59.47 10.22 -0.85
CA VAL B 437 59.09 11.31 0.05
C VAL B 437 59.37 10.86 1.46
N VAL B 438 59.62 11.85 2.29
CA VAL B 438 59.53 11.74 3.77
C VAL B 438 58.31 12.58 4.17
N PRO B 439 57.24 11.89 4.63
CA PRO B 439 55.90 12.42 4.90
C PRO B 439 56.00 13.64 5.73
N PRO B 440 55.24 14.66 5.36
CA PRO B 440 54.78 15.88 6.05
C PRO B 440 54.51 15.72 7.50
N GLU B 441 53.70 16.65 8.00
CA GLU B 441 53.23 16.65 9.41
C GLU B 441 51.82 17.18 9.52
N GLY B 442 51.04 16.59 10.45
CA GLY B 442 49.69 17.03 10.79
C GLY B 442 48.68 16.09 10.13
N ALA B 443 49.22 14.93 9.73
CA ALA B 443 48.67 14.14 8.64
C ALA B 443 48.93 12.60 8.62
N THR B 444 47.84 11.88 8.54
CA THR B 444 48.02 10.47 8.30
C THR B 444 47.86 9.99 6.85
N MSE B 445 48.76 9.07 6.54
CA MSE B 445 48.84 8.36 5.30
C MSE B 445 47.84 7.20 5.13
O MSE B 445 47.63 6.42 6.05
CB MSE B 445 50.21 7.83 5.31
CG MSE B 445 51.13 8.66 6.20
SE MSE B 445 52.66 7.84 5.52
CE MSE B 445 54.43 7.73 7.02
N ILE B 446 47.24 7.14 3.91
CA ILE B 446 46.22 6.15 3.48
C ILE B 446 46.73 5.34 2.32
N SER B 447 46.61 4.03 2.49
CA SER B 447 47.05 3.02 1.54
C SER B 447 45.98 2.05 1.09
N VAL B 448 45.85 1.88 -0.20
CA VAL B 448 44.68 1.19 -0.62
C VAL B 448 45.23 0.24 -1.64
N THR B 449 44.84 -1.02 -1.57
CA THR B 449 45.39 -1.89 -2.57
C THR B 449 44.24 -2.75 -3.17
N HIS B 450 44.12 -2.81 -4.50
CA HIS B 450 43.14 -3.74 -5.08
C HIS B 450 43.52 -5.07 -4.49
N ARG B 451 42.62 -6.00 -4.15
CA ARG B 451 43.05 -7.21 -3.51
C ARG B 451 42.19 -8.39 -3.93
N HIS B 452 41.24 -8.06 -4.84
CA HIS B 452 40.40 -9.01 -5.58
C HIS B 452 41.01 -9.50 -6.88
N GLY B 453 42.30 -9.26 -7.13
CA GLY B 453 42.84 -9.77 -8.34
C GLY B 453 42.32 -9.44 -9.77
N MSE B 454 42.15 -8.15 -10.14
CA MSE B 454 41.62 -7.71 -11.47
C MSE B 454 42.42 -6.52 -11.88
O MSE B 454 42.08 -5.73 -12.79
CB MSE B 454 40.17 -7.17 -11.39
CG MSE B 454 39.33 -7.85 -10.37
SE MSE B 454 38.25 -9.40 -11.05
CE MSE B 454 36.84 -8.17 -12.40
N ALA B 455 43.46 -6.33 -11.12
CA ALA B 455 44.27 -5.23 -11.35
C ALA B 455 45.52 -5.71 -10.68
N GLU B 456 46.60 -4.99 -10.96
CA GLU B 456 47.87 -5.14 -10.26
C GLU B 456 47.60 -4.83 -8.79
N PRO B 457 48.05 -5.73 -7.88
CA PRO B 457 47.85 -5.40 -6.51
C PRO B 457 48.90 -4.40 -6.13
N THR B 458 48.65 -3.11 -6.33
CA THR B 458 49.65 -2.04 -6.22
C THR B 458 49.22 -0.99 -5.20
N THR B 459 50.01 -0.86 -4.15
CA THR B 459 49.49 -0.03 -3.07
C THR B 459 49.43 1.45 -3.36
N LYS B 460 48.26 1.95 -3.75
CA LYS B 460 48.08 3.40 -3.84
C LYS B 460 48.03 4.04 -2.48
N THR B 461 48.88 5.07 -2.32
CA THR B 461 49.14 5.80 -1.05
C THR B 461 48.82 7.28 -1.06
N GLY B 462 47.91 7.73 -0.24
CA GLY B 462 47.63 9.19 -0.22
C GLY B 462 48.05 9.76 1.13
N PHE B 463 47.24 10.71 1.67
CA PHE B 463 47.57 11.57 2.80
C PHE B 463 46.51 12.46 3.49
N LEU B 464 45.66 11.89 4.36
CA LEU B 464 44.69 12.67 5.13
C LEU B 464 45.30 13.83 5.95
N THR B 465 44.44 14.64 6.59
CA THR B 465 44.82 15.74 7.52
C THR B 465 43.54 16.04 8.29
N GLY B 466 43.70 16.51 9.54
CA GLY B 466 42.58 16.60 10.50
C GLY B 466 42.33 15.14 10.84
N TRP B 467 43.45 14.39 10.89
CA TRP B 467 43.49 12.97 11.23
C TRP B 467 44.59 12.70 12.28
N GLY B 468 44.28 12.99 13.55
CA GLY B 468 45.22 12.93 14.71
C GLY B 468 46.72 12.91 14.46
N ARG B 469 47.48 12.47 15.47
CA ARG B 469 48.76 11.80 15.14
C ARG B 469 48.55 10.30 15.27
N TRP B 470 49.21 9.46 14.45
CA TRP B 470 49.07 7.92 14.55
C TRP B 470 50.34 7.24 15.11
N ASN B 471 50.26 6.77 16.36
CA ASN B 471 51.41 6.02 16.83
C ASN B 471 51.16 4.54 16.49
N GLY B 472 51.45 4.18 15.22
CA GLY B 472 51.08 2.89 14.57
C GLY B 472 50.10 3.04 13.36
N ALA B 473 49.10 2.13 13.24
CA ALA B 473 48.27 2.06 12.03
C ALA B 473 47.16 1.12 12.21
N PHE B 474 46.14 1.28 11.35
CA PHE B 474 44.97 0.38 11.25
C PHE B 474 44.79 0.00 9.79
N ALA B 475 44.54 -1.29 9.61
CA ALA B 475 44.22 -1.92 8.39
C ALA B 475 42.96 -2.86 8.58
N THR B 476 42.24 -2.91 7.44
CA THR B 476 40.89 -3.33 7.35
C THR B 476 40.66 -3.77 5.88
N THR B 477 39.90 -4.84 5.75
CA THR B 477 39.44 -5.22 4.47
C THR B 477 37.94 -4.91 4.36
N VAL B 478 37.41 -4.16 5.30
CA VAL B 478 36.02 -3.78 5.22
C VAL B 478 36.18 -2.34 5.04
N SER B 479 35.81 -1.93 3.85
CA SER B 479 36.09 -0.63 3.34
C SER B 479 34.97 -0.53 2.23
N HIS B 480 34.13 0.51 2.32
CA HIS B 480 32.98 0.73 1.43
C HIS B 480 33.46 1.66 0.27
N ASP B 481 33.21 1.22 -1.00
CA ASP B 481 32.36 0.05 -1.25
C ASP B 481 33.06 -1.12 -2.02
N SER B 482 34.36 -0.90 -2.26
CA SER B 482 35.15 -1.86 -2.95
C SER B 482 35.91 -2.84 -2.03
N HIS B 483 35.83 -2.61 -0.72
CA HIS B 483 36.42 -3.57 0.17
C HIS B 483 37.79 -4.00 -0.36
N ASN B 484 38.58 -3.00 -0.82
CA ASN B 484 40.00 -3.25 -1.04
C ASN B 484 40.77 -3.24 0.31
N LEU B 485 42.10 -3.46 0.33
CA LEU B 485 42.83 -3.56 1.59
C LEU B 485 43.14 -2.14 1.82
N THR B 486 42.66 -1.60 2.97
CA THR B 486 42.82 -0.19 3.38
C THR B 486 43.55 -0.07 4.74
N VAL B 487 44.61 0.75 4.69
CA VAL B 487 45.44 0.94 5.83
C VAL B 487 45.68 2.39 6.01
N PHE B 488 45.35 2.98 7.18
CA PHE B 488 45.79 4.33 7.57
C PHE B 488 46.92 4.22 8.62
N GLY B 489 48.03 5.00 8.49
CA GLY B 489 49.08 5.03 9.54
C GLY B 489 50.21 6.08 9.63
N GLY B 490 50.80 6.24 10.82
CA GLY B 490 51.97 7.08 11.13
C GLY B 490 53.29 6.72 10.47
N ASN B 491 53.51 5.44 10.14
CA ASN B 491 54.78 5.02 9.59
C ASN B 491 54.66 3.73 8.74
N ALA B 492 55.61 3.53 7.85
CA ALA B 492 55.50 2.33 7.03
C ALA B 492 55.20 1.08 7.89
N GLY B 493 56.11 0.78 8.83
CA GLY B 493 56.37 -0.61 9.27
C GLY B 493 55.07 -1.14 9.82
N ASP B 494 54.38 -0.31 10.56
CA ASP B 494 53.24 -0.75 11.34
C ASP B 494 52.11 -1.08 10.37
N MSE B 495 51.72 -0.10 9.61
CA MSE B 495 51.09 -0.38 8.32
C MSE B 495 51.29 -1.67 7.54
O MSE B 495 50.28 -2.27 7.08
CB MSE B 495 51.34 0.75 7.39
CG MSE B 495 50.73 2.01 7.98
SE MSE B 495 50.75 3.40 6.65
CE MSE B 495 49.04 3.23 5.64
N ALA B 496 52.55 -2.07 7.34
CA ALA B 496 52.85 -3.37 6.73
C ALA B 496 52.46 -4.53 7.65
N LEU B 497 52.51 -4.26 8.94
CA LEU B 497 52.40 -5.33 9.85
C LEU B 497 50.95 -5.40 10.11
N ALA B 498 50.21 -4.30 9.92
CA ALA B 498 48.73 -4.47 9.92
C ALA B 498 48.20 -5.18 8.66
N ALA B 499 48.43 -4.57 7.48
CA ALA B 499 48.39 -5.26 6.16
C ALA B 499 48.69 -6.79 6.22
N ASN B 500 49.81 -7.24 6.78
CA ASN B 500 50.07 -8.61 6.53
C ASN B 500 49.33 -9.48 7.57
N ALA B 501 49.08 -8.90 8.72
CA ALA B 501 48.22 -9.53 9.71
C ALA B 501 46.86 -9.89 9.01
N VAL B 502 46.31 -8.95 8.18
CA VAL B 502 44.93 -9.17 7.63
C VAL B 502 45.01 -10.04 6.43
N ILE B 503 45.91 -9.70 5.51
CA ILE B 503 46.20 -10.63 4.44
C ILE B 503 46.29 -12.04 4.95
N GLY B 504 47.08 -12.26 6.02
CA GLY B 504 47.32 -13.61 6.59
C GLY B 504 46.06 -14.43 6.91
N THR B 505 45.27 -13.89 7.86
CA THR B 505 43.94 -14.36 8.21
C THR B 505 42.93 -14.43 7.07
N GLY B 506 43.26 -13.84 5.92
CA GLY B 506 42.45 -13.98 4.77
C GLY B 506 41.42 -12.91 4.74
N GLY B 507 41.72 -11.77 5.31
CA GLY B 507 40.72 -10.72 5.44
C GLY B 507 40.66 -10.47 6.94
N GLY B 508 39.88 -9.47 7.37
CA GLY B 508 39.82 -9.11 8.76
C GLY B 508 40.27 -7.69 8.97
N MSE B 509 40.62 -7.35 10.22
CA MSE B 509 41.03 -6.06 10.71
C MSE B 509 42.12 -6.25 11.71
O MSE B 509 42.14 -7.30 12.43
CB MSE B 509 39.93 -5.44 11.48
CG MSE B 509 39.01 -4.81 10.51
SE MSE B 509 37.21 -4.32 11.21
CE MSE B 509 36.02 -4.94 9.63
N ALA B 510 43.05 -5.26 11.74
CA ALA B 510 44.12 -5.30 12.72
C ALA B 510 44.80 -3.96 13.01
N VAL B 511 45.30 -3.75 14.25
CA VAL B 511 45.90 -2.47 14.70
C VAL B 511 47.37 -2.74 14.80
N ALA B 512 48.23 -1.79 14.47
CA ALA B 512 49.65 -1.99 14.64
C ALA B 512 50.30 -0.82 15.31
N SER B 513 51.35 -1.09 16.09
CA SER B 513 52.09 -0.08 16.85
C SER B 513 53.46 -0.62 17.23
N GLU B 514 54.45 0.23 16.92
CA GLU B 514 55.82 0.15 17.44
C GLU B 514 56.50 -1.16 17.11
N GLY B 515 56.07 -1.79 16.05
CA GLY B 515 56.72 -3.00 15.54
C GLY B 515 55.94 -4.20 16.05
N LYS B 516 54.75 -3.93 16.61
CA LYS B 516 53.91 -5.00 16.95
C LYS B 516 52.45 -4.81 16.58
N VAL B 517 51.83 -5.98 16.34
CA VAL B 517 50.44 -6.18 16.29
C VAL B 517 49.78 -6.22 17.65
N THR B 518 48.78 -5.38 17.78
CA THR B 518 48.12 -5.32 19.08
C THR B 518 46.77 -5.89 19.09
N ALA B 519 46.20 -6.25 17.92
CA ALA B 519 44.83 -6.79 17.82
C ALA B 519 44.59 -7.17 16.41
N ILE B 520 43.93 -8.32 16.30
CA ILE B 520 43.50 -8.76 14.99
C ILE B 520 42.10 -9.34 15.03
N LEU B 521 41.22 -8.85 14.17
CA LEU B 521 39.99 -9.56 14.01
C LEU B 521 39.99 -10.24 12.61
N PRO B 522 40.16 -11.58 12.54
CA PRO B 522 40.11 -12.37 11.29
C PRO B 522 38.74 -12.37 10.62
N LEU B 523 38.63 -12.12 9.32
CA LEU B 523 37.34 -12.06 8.62
C LEU B 523 37.37 -12.95 7.35
N PRO B 524 37.65 -14.23 7.56
CA PRO B 524 38.02 -15.20 6.52
C PRO B 524 37.03 -15.27 5.37
N LEU B 525 35.74 -15.16 5.67
CA LEU B 525 34.73 -15.11 4.62
C LEU B 525 34.60 -13.70 3.95
N SER B 526 35.09 -13.64 2.73
CA SER B 526 35.00 -12.48 1.87
C SER B 526 35.84 -11.32 2.32
N GLY B 527 36.45 -11.48 3.50
CA GLY B 527 37.05 -10.34 4.25
C GLY B 527 35.90 -9.50 4.88
N LEU B 528 34.71 -10.03 4.94
CA LEU B 528 33.76 -9.25 5.58
C LEU B 528 33.24 -9.86 6.86
N VAL B 529 33.15 -11.17 6.93
CA VAL B 529 32.34 -11.73 7.98
C VAL B 529 33.03 -12.95 8.57
N SER B 530 33.10 -13.06 9.90
CA SER B 530 33.53 -14.31 10.48
C SER B 530 32.53 -15.45 10.38
N ASP B 531 32.97 -16.65 10.73
CA ASP B 531 32.08 -17.74 10.85
C ASP B 531 31.91 -18.09 12.30
N ALA B 532 32.66 -17.47 13.19
CA ALA B 532 32.47 -17.62 14.64
C ALA B 532 31.13 -17.10 15.24
N PRO B 533 30.76 -17.62 16.44
CA PRO B 533 29.61 -17.06 17.22
C PRO B 533 29.72 -15.57 17.39
N LEU B 534 28.56 -14.92 17.47
CA LEU B 534 28.50 -13.49 17.60
C LEU B 534 29.05 -12.88 18.92
N GLU B 535 29.16 -13.66 20.01
CA GLU B 535 30.04 -13.28 21.17
C GLU B 535 31.43 -12.88 20.88
N GLU B 536 32.08 -13.86 20.26
CA GLU B 536 33.45 -13.68 19.99
C GLU B 536 33.61 -12.51 19.05
N VAL B 537 32.77 -12.56 18.03
CA VAL B 537 33.05 -11.66 17.04
C VAL B 537 32.90 -10.32 17.62
N ALA B 538 31.86 -10.13 18.50
CA ALA B 538 31.71 -8.72 19.10
C ALA B 538 32.70 -8.33 20.15
N ARG B 539 33.14 -9.29 20.98
CA ARG B 539 34.33 -9.03 21.80
C ARG B 539 35.60 -8.72 20.98
N ALA B 540 35.80 -9.56 19.97
CA ALA B 540 37.01 -9.43 19.22
C ALA B 540 37.01 -7.98 18.77
N PHE B 541 35.78 -7.47 18.59
CA PHE B 541 35.50 -6.14 18.06
C PHE B 541 35.47 -5.02 19.09
N GLU B 542 34.85 -5.15 20.24
CA GLU B 542 35.25 -4.09 21.28
C GLU B 542 36.79 -4.07 21.36
N ASP B 543 37.42 -5.27 21.37
CA ASP B 543 38.82 -5.35 21.71
C ASP B 543 39.59 -4.73 20.59
N LEU B 544 39.07 -4.89 19.36
CA LEU B 544 39.62 -4.11 18.25
C LEU B 544 39.54 -2.54 18.43
N ARG B 545 38.40 -2.08 18.98
CA ARG B 545 38.16 -0.67 19.30
C ARG B 545 39.16 -0.25 20.34
N GLU B 546 39.29 -1.04 21.44
CA GLU B 546 40.19 -0.53 22.53
C GLU B 546 41.52 -0.11 21.88
N ALA B 547 41.93 -1.00 20.99
CA ALA B 547 43.27 -1.12 20.68
C ALA B 547 43.60 0.08 19.81
N VAL B 548 42.70 0.44 18.88
CA VAL B 548 43.04 1.49 17.89
C VAL B 548 43.09 2.83 18.58
N GLY B 549 42.09 2.97 19.49
CA GLY B 549 42.03 3.95 20.57
C GLY B 549 43.26 4.04 21.48
N LYS B 550 44.30 3.21 21.32
CA LYS B 550 45.59 3.57 21.91
C LYS B 550 46.66 4.18 20.97
N VAL B 551 46.28 4.33 19.68
CA VAL B 551 47.17 4.85 18.59
C VAL B 551 46.79 6.27 18.21
N VAL B 552 45.53 6.55 18.36
CA VAL B 552 45.14 7.91 18.14
C VAL B 552 43.99 8.31 19.07
N GLU B 553 43.80 9.62 19.03
CA GLU B 553 42.89 10.32 19.86
C GLU B 553 41.59 10.54 19.04
N TRP B 554 40.61 9.68 19.11
CA TRP B 554 39.39 9.97 18.35
C TRP B 554 38.85 11.37 18.75
N GLN B 555 39.21 12.45 18.03
CA GLN B 555 38.56 13.76 18.28
C GLN B 555 37.23 14.00 17.56
N PRO B 556 36.06 13.45 18.05
CA PRO B 556 34.72 13.81 17.43
C PRO B 556 34.34 15.35 17.53
N PRO B 557 33.18 15.80 16.87
CA PRO B 557 32.23 15.17 15.83
C PRO B 557 32.88 14.77 14.51
N TYR B 558 32.50 13.58 13.97
CA TYR B 558 33.05 12.90 12.71
C TYR B 558 34.31 12.03 12.87
N LEU B 559 35.43 12.61 13.31
CA LEU B 559 36.64 11.81 13.62
C LEU B 559 36.37 10.66 14.62
N VAL B 560 35.79 9.57 14.13
CA VAL B 560 35.54 8.38 14.96
C VAL B 560 35.96 7.07 14.19
N PHE B 561 36.83 6.20 14.75
CA PHE B 561 36.86 4.75 14.37
C PHE B 561 35.91 4.34 13.21
N LYS B 562 34.58 4.45 13.39
CA LYS B 562 33.66 4.24 12.24
C LYS B 562 34.13 4.83 10.89
N ALA B 563 34.72 6.02 10.88
CA ALA B 563 35.22 6.67 9.70
C ALA B 563 36.27 5.83 8.96
N CYS B 564 36.97 4.97 9.71
CA CYS B 564 37.95 4.07 9.05
C CYS B 564 37.37 3.05 8.14
N PHE B 565 36.07 2.91 8.10
CA PHE B 565 35.52 2.06 7.10
C PHE B 565 35.02 2.94 5.94
N GLY B 566 34.93 4.25 6.18
CA GLY B 566 34.23 5.19 5.28
C GLY B 566 35.15 5.91 4.31
N ALA B 567 36.45 5.99 4.55
CA ALA B 567 37.34 6.79 3.70
C ALA B 567 37.53 6.42 2.23
N THR B 568 36.88 5.33 1.76
CA THR B 568 37.10 4.85 0.39
C THR B 568 35.89 5.02 -0.48
N LEU B 569 34.72 5.14 0.16
CA LEU B 569 33.40 5.21 -0.52
C LEU B 569 33.23 6.32 -1.59
N ALA B 570 33.70 6.01 -2.83
CA ALA B 570 33.99 7.02 -3.90
C ALA B 570 32.75 7.61 -4.57
N CYS B 571 31.62 6.96 -4.48
CA CYS B 571 30.36 7.52 -4.93
C CYS B 571 29.84 8.81 -4.22
N ASN B 572 30.65 9.48 -3.38
CA ASN B 572 30.18 10.66 -2.60
C ASN B 572 31.10 11.92 -2.80
N ILE B 573 30.55 13.12 -2.50
CA ILE B 573 31.26 14.38 -2.84
C ILE B 573 32.56 14.52 -2.06
N GLY B 574 33.52 15.18 -2.71
CA GLY B 574 34.92 15.13 -2.30
C GLY B 574 35.63 13.89 -2.85
N PRO B 575 36.96 13.89 -2.68
CA PRO B 575 38.16 13.23 -3.13
C PRO B 575 38.84 12.07 -2.37
N HIS B 576 38.29 10.87 -2.38
CA HIS B 576 38.95 9.79 -1.61
C HIS B 576 39.85 8.78 -2.35
N GLN B 577 40.98 8.40 -1.73
CA GLN B 577 42.07 7.57 -2.33
C GLN B 577 41.41 6.23 -2.55
N THR B 578 41.89 5.39 -3.49
CA THR B 578 41.28 4.08 -3.81
C THR B 578 42.22 3.30 -4.63
N ASP B 579 41.78 2.17 -5.15
CA ASP B 579 42.82 1.30 -5.65
C ASP B 579 43.60 1.83 -6.88
N MSE B 580 43.25 3.03 -7.36
CA MSE B 580 43.91 3.72 -8.53
C MSE B 580 44.30 5.16 -8.26
O MSE B 580 44.79 5.89 -9.15
CB MSE B 580 42.99 3.70 -9.74
CG MSE B 580 41.98 2.58 -9.52
SE MSE B 580 40.45 2.61 -10.70
CE MSE B 580 41.61 2.37 -12.59
N GLY B 581 44.04 5.57 -7.03
CA GLY B 581 44.56 6.82 -6.57
C GLY B 581 43.50 7.79 -6.12
N ILE B 582 43.81 9.06 -6.26
CA ILE B 582 43.07 10.04 -5.54
C ILE B 582 42.08 10.55 -6.48
N ALA B 583 40.84 10.70 -6.05
CA ALA B 583 39.72 10.48 -6.98
C ALA B 583 38.49 11.36 -6.79
N ASP B 584 38.33 12.44 -7.58
CA ASP B 584 36.99 13.12 -7.56
C ASP B 584 35.87 12.44 -8.36
N VAL B 585 34.61 12.66 -7.98
CA VAL B 585 33.48 12.25 -8.85
C VAL B 585 32.75 13.47 -9.41
N LEU B 586 33.13 14.64 -8.86
CA LEU B 586 32.83 15.95 -9.47
C LEU B 586 34.00 16.61 -10.24
N THR B 587 35.03 15.82 -10.56
CA THR B 587 35.88 16.06 -11.73
C THR B 587 35.46 14.99 -12.77
N GLY B 588 34.98 13.83 -12.33
CA GLY B 588 35.04 12.68 -13.18
C GLY B 588 36.46 12.10 -13.21
N LYS B 589 37.49 12.78 -12.70
CA LYS B 589 38.90 12.19 -12.70
C LYS B 589 39.67 11.70 -11.38
N VAL B 590 40.75 10.97 -11.63
CA VAL B 590 41.48 10.17 -10.67
C VAL B 590 42.98 10.34 -10.79
N MSE B 591 43.60 10.92 -9.77
CA MSE B 591 45.00 11.29 -9.84
C MSE B 591 45.96 10.25 -9.28
O MSE B 591 45.74 9.74 -8.21
CB MSE B 591 45.12 12.58 -9.12
CG MSE B 591 46.18 13.40 -9.68
SE MSE B 591 47.02 14.15 -8.08
CE MSE B 591 48.82 14.92 -9.03
N GLU B 592 47.04 9.97 -10.00
CA GLU B 592 47.75 8.66 -9.88
C GLU B 592 48.88 8.59 -8.84
N SER B 593 49.40 9.78 -8.57
CA SER B 593 50.39 9.98 -7.57
C SER B 593 49.97 11.39 -7.25
N PRO B 594 50.23 11.89 -6.01
CA PRO B 594 50.06 13.32 -5.59
C PRO B 594 51.32 14.20 -5.59
N VAL B 595 52.44 13.67 -6.10
CA VAL B 595 53.62 14.47 -6.55
C VAL B 595 53.20 15.56 -7.57
N ILE B 596 53.35 16.85 -7.20
CA ILE B 596 53.28 18.03 -8.15
C ILE B 596 54.65 18.83 -8.22
N GLU B 597 55.75 18.11 -8.54
CA GLU B 597 57.03 18.74 -8.86
C GLU B 597 57.30 18.76 -10.37
FE FE C . -22.78 -2.82 0.06
FE FE D . -22.06 -0.69 -3.12
FE FE E . -26.91 -3.21 -6.75
FE FE F . 22.86 0.89 3.42
FE FE G . 28.89 -0.71 1.74
FE FE H . 23.43 4.51 1.98
#